data_4FSJ
#
_entry.id   4FSJ
#
_cell.length_a   326.480
_cell.length_b   326.480
_cell.length_c   772.400
_cell.angle_alpha   90.000
_cell.angle_beta   90.000
_cell.angle_gamma   120.000
#
_symmetry.space_group_name_H-M   'H 3'
#
loop_
_entity.id
_entity.type
_entity.pdbx_description
1 polymer 'Capsid protein beta'
2 polymer 'Capsid protein Gamma'
3 polymer 'Random cellular RNA fragments'
4 non-polymer 'CALCIUM ION'
5 non-polymer '4-(2-HYDROXYETHYL)-1-PIPERAZINE ETHANESULFONIC ACID'
6 non-polymer 'CHLORIDE ION'
7 water water
#
loop_
_entity_poly.entity_id
_entity_poly.type
_entity_poly.pdbx_seq_one_letter_code
_entity_poly.pdbx_strand_id
1 'polypeptide(L)'
;MVNNNRPRRQRAQRVVVTTTQTAPVPQQNVPRNGRRRRNRTRRNRRRVRGMNMAALTRLSQPGLAFLKCAFAPPDFNTDP
GKGIPDRFEGKVVSRKDVLNQSISFTAGQDTFILIAPTPGVAYWSASVPAGTFPTSATTFNPVNYPGFTSMFGTTSTSRS
DQVSSFRYASMNVGIYPTSNLMQFAGSITVWKCPVKLSTVQFPVATDPATSSLVHTLVGLDGVLAVGPDNFSESFIKGVF
SQSACNEPDFEFNDILEGIQTLPPANVSLGSTGQPFTMDSGAEATSGVVGWGNMDTIVIRVSAPEGAVNSAILKAWSCIE
YRPNPNAMLYQFGHDSPPLDEVALQEYRTVARSLPVAVIAAQN
;
A,B,C
2 'polypeptide(L)' ASMWERVKSIIKSSLAAASNIPGPIGVAASGISGLSALFEGFGF D,E,F
3 'polyribonucleotide' UUCUCUUUUAUCUU R
#
loop_
_chem_comp.id
_chem_comp.type
_chem_comp.name
_chem_comp.formula
A RNA linking ADENOSINE-5'-MONOPHOSPHATE 'C10 H14 N5 O7 P'
C RNA linking CYTIDINE-5'-MONOPHOSPHATE 'C9 H14 N3 O8 P'
CA non-polymer 'CALCIUM ION' 'Ca 2'
CL non-polymer 'CHLORIDE ION' 'Cl -1'
EPE non-polymer '4-(2-HYDROXYETHYL)-1-PIPERAZINE ETHANESULFONIC ACID' 'C8 H18 N2 O4 S'
U RNA linking URIDINE-5'-MONOPHOSPHATE 'C9 H13 N2 O9 P'
#
# COMPACT_ATOMS: atom_id res chain seq x y z
N GLN A 21 -27.89 -30.43 -30.52
CA GLN A 21 -27.63 -29.87 -31.88
C GLN A 21 -27.17 -28.40 -31.81
N THR A 22 -26.49 -28.05 -30.71
CA THR A 22 -25.98 -26.69 -30.50
C THR A 22 -24.43 -26.65 -30.61
N ALA A 23 -23.92 -25.98 -31.63
CA ALA A 23 -22.47 -25.87 -31.87
C ALA A 23 -21.74 -25.06 -30.81
N PRO A 24 -20.68 -25.63 -30.22
CA PRO A 24 -19.88 -24.97 -29.19
C PRO A 24 -19.25 -23.66 -29.72
N VAL A 25 -19.15 -22.64 -28.87
CA VAL A 25 -18.57 -21.33 -29.25
C VAL A 25 -17.03 -21.40 -29.25
N PRO A 26 -16.39 -21.15 -30.41
CA PRO A 26 -14.92 -21.21 -30.54
C PRO A 26 -14.19 -20.19 -29.66
N GLN A 27 -13.50 -20.70 -28.64
CA GLN A 27 -12.76 -19.87 -27.70
C GLN A 27 -11.26 -19.83 -28.09
N GLN A 28 -10.58 -18.75 -27.73
CA GLN A 28 -9.15 -18.57 -28.02
C GLN A 28 -8.41 -17.93 -26.83
N THR A 57 20.66 -23.40 9.29
CA THR A 57 21.38 -22.13 9.10
C THR A 57 21.32 -21.22 10.34
N ARG A 58 22.10 -20.13 10.30
CA ARG A 58 22.16 -19.19 11.39
C ARG A 58 21.93 -17.75 10.92
N LEU A 59 21.54 -16.90 11.87
CA LEU A 59 21.26 -15.49 11.65
C LEU A 59 22.48 -14.64 11.32
N SER A 60 22.28 -13.57 10.56
CA SER A 60 23.35 -12.66 10.22
C SER A 60 23.50 -11.63 11.36
N GLN A 61 24.50 -10.77 11.28
CA GLN A 61 24.73 -9.74 12.31
C GLN A 61 23.54 -8.82 12.47
N PRO A 62 23.10 -8.18 11.37
CA PRO A 62 21.97 -7.26 11.41
C PRO A 62 20.65 -7.99 11.64
N GLY A 63 20.63 -9.27 11.29
CA GLY A 63 19.45 -10.11 11.45
C GLY A 63 19.23 -10.47 12.91
N LEU A 64 20.31 -10.75 13.63
CA LEU A 64 20.19 -11.07 15.05
C LEU A 64 19.91 -9.77 15.81
N ALA A 65 20.58 -8.70 15.39
CA ALA A 65 20.40 -7.37 15.98
C ALA A 65 18.93 -6.99 15.87
N PHE A 66 18.37 -7.22 14.70
CA PHE A 66 16.96 -6.95 14.41
C PHE A 66 16.05 -7.66 15.42
N LEU A 67 16.35 -8.93 15.74
CA LEU A 67 15.54 -9.70 16.69
C LEU A 67 15.67 -9.21 18.14
N LYS A 68 16.79 -8.54 18.44
CA LYS A 68 17.00 -8.01 19.78
C LYS A 68 16.28 -6.68 19.96
N CYS A 69 16.48 -5.75 19.02
CA CYS A 69 15.84 -4.45 19.07
C CYS A 69 14.34 -4.68 19.11
N ALA A 70 13.90 -5.75 18.44
CA ALA A 70 12.50 -6.11 18.33
C ALA A 70 11.84 -6.68 19.58
N PHE A 71 12.51 -7.58 20.29
CA PHE A 71 11.90 -8.20 21.47
C PHE A 71 12.50 -7.99 22.85
N ALA A 72 13.71 -7.48 22.93
CA ALA A 72 14.31 -7.27 24.24
C ALA A 72 15.37 -6.17 24.31
N PRO A 73 14.94 -4.90 24.20
CA PRO A 73 15.93 -3.80 24.26
C PRO A 73 16.45 -3.40 25.66
N PRO A 74 15.70 -3.70 26.76
CA PRO A 74 16.20 -3.32 28.09
C PRO A 74 17.32 -4.23 28.56
N ASP A 75 17.46 -5.36 27.88
CA ASP A 75 18.46 -6.37 28.23
C ASP A 75 19.81 -6.15 27.56
N PHE A 76 19.98 -5.03 26.88
CA PHE A 76 21.25 -4.76 26.23
C PHE A 76 21.82 -3.40 26.55
N ASN A 77 23.13 -3.39 26.78
CA ASN A 77 23.85 -2.19 27.10
C ASN A 77 23.72 -1.20 25.94
N THR A 78 23.52 -1.72 24.74
CA THR A 78 23.40 -0.86 23.58
C THR A 78 22.30 -1.26 22.64
N ASP A 79 21.94 -0.30 21.79
CA ASP A 79 20.95 -0.48 20.76
C ASP A 79 21.48 -1.62 19.92
N PRO A 80 20.90 -2.81 20.07
CA PRO A 80 21.41 -3.92 19.27
C PRO A 80 21.14 -3.68 17.76
N GLY A 81 19.93 -3.21 17.47
CA GLY A 81 19.48 -2.96 16.11
C GLY A 81 20.38 -2.24 15.12
N LYS A 82 20.29 -2.67 13.87
CA LYS A 82 21.08 -2.08 12.79
C LYS A 82 20.31 -2.02 11.48
N GLY A 83 19.03 -2.36 11.54
CA GLY A 83 18.20 -2.31 10.35
C GLY A 83 17.33 -3.54 10.20
N ILE A 84 16.51 -3.57 9.14
CA ILE A 84 15.62 -4.68 8.87
C ILE A 84 16.19 -5.54 7.74
N PRO A 85 16.52 -6.79 8.08
CA PRO A 85 17.10 -7.79 7.17
C PRO A 85 16.03 -8.25 6.18
N ASP A 86 15.28 -7.31 5.62
CA ASP A 86 14.25 -7.69 4.65
C ASP A 86 14.83 -7.40 3.29
N ARG A 87 14.07 -7.76 2.27
CA ARG A 87 14.48 -7.56 0.90
C ARG A 87 15.21 -6.22 0.65
N PHE A 88 14.58 -5.12 1.04
CA PHE A 88 15.12 -3.77 0.88
C PHE A 88 16.49 -3.57 1.50
N GLU A 89 17.36 -2.93 0.72
CA GLU A 89 18.74 -2.62 1.12
C GLU A 89 19.17 -1.20 0.72
N GLY A 90 18.20 -0.28 0.61
CA GLY A 90 18.51 1.09 0.25
C GLY A 90 19.00 1.92 1.42
N LYS A 91 19.23 3.22 1.18
CA LYS A 91 19.73 4.14 2.21
C LYS A 91 18.68 4.40 3.26
N VAL A 92 19.10 4.25 4.52
CA VAL A 92 18.21 4.46 5.66
C VAL A 92 18.99 4.99 6.83
N VAL A 93 18.27 5.39 7.88
CA VAL A 93 18.90 5.85 9.10
C VAL A 93 18.15 5.17 10.25
N SER A 94 18.91 4.41 11.05
CA SER A 94 18.38 3.67 12.19
C SER A 94 18.34 4.58 13.41
N ARG A 95 17.15 4.76 13.98
CA ARG A 95 16.97 5.57 15.17
C ARG A 95 16.34 4.76 16.29
N LYS A 96 17.00 4.74 17.45
CA LYS A 96 16.52 4.02 18.63
C LYS A 96 15.95 5.06 19.60
N ASP A 97 14.62 5.22 19.55
CA ASP A 97 13.92 6.17 20.41
C ASP A 97 13.65 5.58 21.79
N VAL A 98 14.06 6.30 22.83
CA VAL A 98 13.86 5.88 24.21
C VAL A 98 13.46 7.06 25.07
N LEU A 99 12.35 6.83 25.80
CA LEU A 99 11.76 7.82 26.69
C LEU A 99 11.62 7.29 28.09
N ASN A 100 11.98 8.09 29.08
CA ASN A 100 11.83 7.69 30.47
C ASN A 100 10.92 8.71 31.12
N GLN A 101 9.75 8.25 31.54
CA GLN A 101 8.75 9.13 32.15
C GLN A 101 8.35 8.78 33.58
N SER A 102 8.61 9.70 34.51
CA SER A 102 8.23 9.51 35.91
C SER A 102 6.79 9.94 35.95
N ILE A 103 5.93 9.13 36.54
CA ILE A 103 4.52 9.49 36.59
C ILE A 103 3.71 8.95 37.76
N SER A 104 2.75 9.77 38.20
CA SER A 104 1.84 9.41 39.28
C SER A 104 0.42 9.36 38.73
N PHE A 105 -0.31 8.33 39.15
CA PHE A 105 -1.66 8.12 38.67
C PHE A 105 -2.72 8.59 39.59
N THR A 106 -3.62 9.36 39.00
CA THR A 106 -4.75 9.94 39.66
C THR A 106 -5.56 8.83 40.30
N ALA A 107 -5.83 8.95 41.60
CA ALA A 107 -6.61 7.94 42.31
C ALA A 107 -8.08 8.03 41.88
N GLY A 108 -8.78 6.89 41.90
CA GLY A 108 -10.18 6.86 41.50
C GLY A 108 -10.36 7.06 40.01
N GLN A 109 -9.23 7.00 39.32
CA GLN A 109 -9.14 7.19 37.89
C GLN A 109 -8.59 5.95 37.22
N ASP A 110 -9.01 5.72 35.99
CA ASP A 110 -8.48 4.61 35.21
C ASP A 110 -7.76 5.36 34.10
N THR A 111 -6.43 5.42 34.21
CA THR A 111 -5.62 6.13 33.24
C THR A 111 -5.27 5.21 32.05
N PHE A 112 -5.61 5.64 30.83
CA PHE A 112 -5.38 4.90 29.59
C PHE A 112 -4.18 5.42 28.80
N ILE A 113 -3.20 4.55 28.56
CA ILE A 113 -2.00 4.89 27.81
C ILE A 113 -1.98 4.11 26.52
N LEU A 114 -1.51 4.77 25.47
CA LEU A 114 -1.46 4.15 24.16
C LEU A 114 -0.14 4.26 23.46
N ILE A 115 0.41 3.11 23.13
CA ILE A 115 1.68 3.08 22.45
C ILE A 115 1.31 2.90 21.01
N ALA A 116 1.30 4.00 20.27
CA ALA A 116 0.94 3.87 18.89
C ALA A 116 2.07 4.22 17.97
N PRO A 117 2.01 3.66 16.74
CA PRO A 117 2.98 3.86 15.67
C PRO A 117 3.07 5.29 15.13
N THR A 118 3.17 6.25 16.04
CA THR A 118 3.26 7.66 15.68
C THR A 118 4.69 8.10 15.95
N PRO A 119 5.45 8.25 14.88
CA PRO A 119 6.85 8.67 14.95
C PRO A 119 6.99 9.90 15.84
N GLY A 120 8.04 9.89 16.65
CA GLY A 120 8.32 11.03 17.52
C GLY A 120 7.55 11.07 18.82
N VAL A 121 6.35 10.47 18.85
CA VAL A 121 5.53 10.47 20.05
C VAL A 121 5.56 9.13 20.72
N ALA A 122 6.05 9.15 21.95
CA ALA A 122 6.16 7.94 22.76
C ALA A 122 4.78 7.29 22.90
N TYR A 123 3.89 8.01 23.56
CA TYR A 123 2.55 7.50 23.79
C TYR A 123 1.53 8.62 23.93
N TRP A 124 0.29 8.19 24.14
CA TRP A 124 -0.84 9.09 24.28
C TRP A 124 -1.58 8.69 25.53
N SER A 125 -1.93 9.67 26.34
CA SER A 125 -2.62 9.38 27.58
C SER A 125 -3.90 10.21 27.77
N ALA A 126 -4.73 9.77 28.71
CA ALA A 126 -5.99 10.42 29.08
C ALA A 126 -6.54 9.56 30.21
N SER A 127 -7.23 10.16 31.18
CA SER A 127 -7.79 9.36 32.27
C SER A 127 -9.29 9.58 32.38
N VAL A 128 -9.98 8.52 32.78
CA VAL A 128 -11.42 8.56 32.97
C VAL A 128 -11.73 7.97 34.33
N PRO A 129 -12.93 8.23 34.83
CA PRO A 129 -13.33 7.70 36.14
C PRO A 129 -13.12 6.20 36.24
N ALA A 130 -12.58 5.73 37.37
CA ALA A 130 -12.34 4.29 37.55
C ALA A 130 -13.60 3.51 37.15
N GLY A 131 -13.41 2.38 36.46
CA GLY A 131 -14.52 1.56 36.04
C GLY A 131 -15.12 1.97 34.70
N THR A 132 -14.56 3.00 34.07
CA THR A 132 -15.10 3.42 32.78
C THR A 132 -14.02 3.45 31.73
N PHE A 133 -14.48 3.60 30.48
CA PHE A 133 -13.61 3.66 29.32
C PHE A 133 -13.78 4.98 28.64
N PRO A 134 -12.84 5.32 27.74
CA PRO A 134 -12.88 6.57 26.99
C PRO A 134 -14.25 6.76 26.36
N THR A 135 -14.70 8.01 26.31
CA THR A 135 -15.98 8.34 25.71
C THR A 135 -15.69 9.39 24.67
N SER A 136 -16.74 9.82 23.97
CA SER A 136 -16.63 10.85 22.93
C SER A 136 -16.07 12.12 23.55
N ALA A 137 -16.28 12.22 24.85
CA ALA A 137 -15.85 13.35 25.64
C ALA A 137 -14.38 13.25 26.00
N THR A 138 -13.71 12.20 25.55
CA THR A 138 -12.30 12.03 25.88
C THR A 138 -11.39 12.51 24.78
N THR A 139 -10.20 12.92 25.18
CA THR A 139 -9.19 13.40 24.24
C THR A 139 -7.82 13.00 24.74
N PHE A 140 -7.02 12.38 23.89
CA PHE A 140 -5.70 11.95 24.27
C PHE A 140 -4.62 12.90 23.85
N ASN A 141 -3.70 13.19 24.76
CA ASN A 141 -2.61 14.09 24.45
C ASN A 141 -1.31 13.31 24.49
N PRO A 142 -0.53 13.48 23.46
CA PRO A 142 0.75 12.81 23.31
C PRO A 142 1.89 13.30 24.14
N VAL A 143 2.87 12.43 24.37
CA VAL A 143 4.06 12.76 25.13
C VAL A 143 5.17 12.51 24.14
N ASN A 144 5.90 13.54 23.74
CA ASN A 144 6.97 13.39 22.76
C ASN A 144 8.22 12.68 23.18
N TYR A 145 8.84 12.00 22.23
CA TYR A 145 10.09 11.31 22.47
C TYR A 145 11.08 12.43 22.45
N PRO A 146 12.25 12.22 23.02
CA PRO A 146 13.28 13.27 23.06
C PRO A 146 13.66 13.83 21.67
N GLY A 147 13.61 15.16 21.51
CA GLY A 147 13.96 15.79 20.25
C GLY A 147 12.94 15.71 19.11
N PHE A 148 11.66 15.68 19.43
CA PHE A 148 10.62 15.60 18.40
C PHE A 148 10.79 16.70 17.33
N THR A 149 10.99 17.93 17.79
CA THR A 149 11.13 19.07 16.90
C THR A 149 12.39 19.05 16.04
N SER A 150 13.47 18.53 16.59
CA SER A 150 14.74 18.46 15.85
C SER A 150 14.61 17.52 14.65
N MET A 151 13.55 16.73 14.66
CA MET A 151 13.26 15.75 13.62
C MET A 151 12.15 16.19 12.67
N PHE A 152 11.07 16.71 13.23
CA PHE A 152 9.94 17.12 12.42
C PHE A 152 9.52 18.58 12.46
N GLY A 153 10.49 19.47 12.62
CA GLY A 153 10.20 20.89 12.66
C GLY A 153 9.21 21.33 13.73
N THR A 154 8.72 22.55 13.55
CA THR A 154 7.77 23.17 14.46
C THR A 154 6.50 23.68 13.75
N THR A 155 6.31 23.23 12.52
CA THR A 155 5.14 23.59 11.73
C THR A 155 4.45 22.29 11.40
N SER A 156 3.14 22.34 11.26
CA SER A 156 2.40 21.15 10.90
C SER A 156 2.76 20.78 9.45
N THR A 157 3.50 21.66 8.78
CA THR A 157 3.94 21.45 7.38
C THR A 157 5.47 21.39 7.23
N SER A 158 6.11 20.88 8.26
CA SER A 158 7.56 20.78 8.28
C SER A 158 7.97 19.37 8.65
N ARG A 159 6.99 18.49 8.78
CA ARG A 159 7.29 17.12 9.16
C ARG A 159 8.24 16.36 8.21
N SER A 160 8.01 16.54 6.91
CA SER A 160 8.81 15.87 5.91
C SER A 160 10.02 16.67 5.44
N ASP A 161 10.63 17.42 6.35
CA ASP A 161 11.77 18.20 5.95
C ASP A 161 13.07 17.42 6.14
N GLN A 162 13.06 16.52 7.11
CA GLN A 162 14.23 15.72 7.41
C GLN A 162 14.15 14.34 6.75
N VAL A 163 12.97 13.72 6.88
CA VAL A 163 12.73 12.39 6.33
C VAL A 163 11.48 12.38 5.47
N SER A 164 11.40 11.45 4.52
CA SER A 164 10.27 11.35 3.63
C SER A 164 9.32 10.22 4.00
N SER A 165 9.88 9.09 4.44
CA SER A 165 9.05 7.95 4.84
C SER A 165 9.71 7.17 5.98
N PHE A 166 9.11 6.04 6.36
CA PHE A 166 9.63 5.26 7.47
C PHE A 166 8.94 3.91 7.60
N ARG A 167 9.43 3.12 8.55
CA ARG A 167 8.87 1.82 8.87
C ARG A 167 9.40 1.36 10.23
N TYR A 168 8.46 1.02 11.10
CA TYR A 168 8.73 0.57 12.45
C TYR A 168 9.31 -0.81 12.45
N ALA A 169 10.35 -1.02 13.25
CA ALA A 169 10.97 -2.34 13.40
C ALA A 169 10.44 -2.96 14.70
N SER A 170 10.32 -2.12 15.72
CA SER A 170 9.82 -2.58 17.01
C SER A 170 9.20 -1.43 17.77
N MET A 171 8.49 -1.81 18.82
CA MET A 171 7.79 -0.85 19.66
C MET A 171 7.53 -1.54 20.98
N ASN A 172 8.38 -1.25 21.96
CA ASN A 172 8.26 -1.84 23.28
C ASN A 172 7.84 -0.77 24.27
N VAL A 173 7.51 -1.20 25.49
CA VAL A 173 7.08 -0.33 26.57
C VAL A 173 7.15 -1.05 27.91
N GLY A 174 7.54 -0.33 28.96
CA GLY A 174 7.64 -0.94 30.27
C GLY A 174 7.22 0.01 31.36
N ILE A 175 6.64 -0.53 32.43
CA ILE A 175 6.21 0.29 33.53
C ILE A 175 6.81 -0.21 34.80
N TYR A 176 7.45 0.68 35.53
CA TYR A 176 8.07 0.29 36.78
C TYR A 176 7.46 1.06 37.91
N PRO A 177 7.09 0.33 38.95
CA PRO A 177 6.47 0.94 40.11
C PRO A 177 7.45 1.42 41.17
N THR A 178 7.36 2.70 41.48
CA THR A 178 8.21 3.32 42.47
C THR A 178 7.45 3.44 43.78
N SER A 179 6.19 3.04 43.77
CA SER A 179 5.36 3.11 44.96
C SER A 179 5.77 2.13 46.04
N ASN A 180 5.60 2.51 47.29
CA ASN A 180 5.95 1.67 48.41
C ASN A 180 4.88 0.61 48.31
N LEU A 181 5.12 -0.57 48.86
CA LEU A 181 4.12 -1.62 48.76
C LEU A 181 2.76 -1.32 49.39
N MET A 182 2.73 -0.75 50.57
CA MET A 182 1.46 -0.45 51.23
C MET A 182 0.57 0.63 50.57
N GLN A 183 1.19 1.72 50.15
CA GLN A 183 0.46 2.82 49.52
C GLN A 183 -0.23 2.52 48.19
N PHE A 184 0.45 1.79 47.33
CA PHE A 184 -0.07 1.43 46.02
C PHE A 184 -1.39 0.66 46.19
N ALA A 185 -2.08 0.47 45.07
CA ALA A 185 -3.33 -0.27 45.05
C ALA A 185 -3.81 -0.31 43.61
N GLY A 186 -4.49 -1.38 43.23
CA GLY A 186 -4.99 -1.44 41.88
C GLY A 186 -4.38 -2.48 40.95
N SER A 187 -4.55 -2.23 39.67
CA SER A 187 -4.12 -3.13 38.63
C SER A 187 -3.67 -2.51 37.32
N ILE A 188 -3.02 -3.32 36.51
CA ILE A 188 -2.58 -2.94 35.18
C ILE A 188 -3.16 -3.96 34.26
N THR A 189 -3.76 -3.48 33.18
CA THR A 189 -4.35 -4.37 32.23
C THR A 189 -3.91 -3.99 30.84
N VAL A 190 -3.52 -4.99 30.07
CA VAL A 190 -3.04 -4.75 28.72
C VAL A 190 -3.60 -5.65 27.65
N TRP A 191 -3.84 -5.05 26.48
CA TRP A 191 -4.33 -5.75 25.32
C TRP A 191 -3.84 -4.88 24.15
N LYS A 192 -3.85 -5.41 22.93
CA LYS A 192 -3.37 -4.66 21.77
C LYS A 192 -4.46 -4.47 20.72
N CYS A 193 -4.46 -3.31 20.06
CA CYS A 193 -5.48 -3.03 19.05
C CYS A 193 -4.92 -2.82 17.66
N PRO A 194 -5.61 -3.38 16.64
CA PRO A 194 -5.23 -3.29 15.22
C PRO A 194 -5.63 -1.96 14.63
N VAL A 195 -5.16 -0.88 15.24
CA VAL A 195 -5.52 0.44 14.74
C VAL A 195 -4.77 0.85 13.50
N LYS A 196 -5.58 1.11 12.48
CA LYS A 196 -5.13 1.52 11.16
C LYS A 196 -5.68 2.90 10.84
N LEU A 197 -4.91 3.66 10.08
CA LEU A 197 -5.35 4.98 9.71
C LEU A 197 -6.01 4.97 8.34
N SER A 198 -7.33 5.16 8.34
CA SER A 198 -8.09 5.16 7.12
C SER A 198 -8.58 6.56 6.72
N THR A 199 -9.75 6.58 6.10
CA THR A 199 -10.37 7.81 5.65
C THR A 199 -11.87 7.69 5.64
N VAL A 200 -12.50 8.85 5.70
CA VAL A 200 -13.94 8.95 5.73
C VAL A 200 -14.42 9.89 4.63
N GLN A 201 -15.50 9.50 3.96
CA GLN A 201 -16.08 10.28 2.88
C GLN A 201 -17.51 10.72 3.21
N PHE A 202 -17.70 12.02 3.32
CA PHE A 202 -19.02 12.58 3.63
C PHE A 202 -19.24 13.88 2.86
N PRO A 203 -20.50 14.19 2.54
CA PRO A 203 -20.87 15.39 1.80
C PRO A 203 -20.98 16.61 2.70
N VAL A 204 -20.74 17.79 2.15
CA VAL A 204 -20.84 19.03 2.89
C VAL A 204 -21.67 20.04 2.12
N ALA A 205 -22.68 20.60 2.78
CA ALA A 205 -23.57 21.56 2.15
C ALA A 205 -22.99 22.97 2.12
N THR A 206 -21.99 23.16 1.27
CA THR A 206 -21.37 24.47 1.14
C THR A 206 -21.85 24.96 -0.20
N ASP A 207 -21.34 26.12 -0.63
CA ASP A 207 -21.72 26.68 -1.91
C ASP A 207 -20.51 26.89 -2.81
N PRO A 208 -20.42 26.10 -3.90
CA PRO A 208 -21.40 25.04 -4.24
C PRO A 208 -21.25 23.81 -3.35
N ALA A 209 -22.23 22.91 -3.39
CA ALA A 209 -22.18 21.71 -2.56
C ALA A 209 -20.93 20.87 -2.86
N THR A 210 -20.26 20.38 -1.83
CA THR A 210 -19.05 19.56 -2.05
C THR A 210 -18.99 18.31 -1.18
N SER A 211 -18.02 17.43 -1.47
CA SER A 211 -17.81 16.19 -0.69
C SER A 211 -16.42 16.25 -0.05
N SER A 212 -16.39 15.95 1.24
CA SER A 212 -15.12 15.99 1.93
C SER A 212 -14.53 14.62 2.11
N LEU A 213 -13.25 14.64 2.42
CA LEU A 213 -12.53 13.43 2.63
C LEU A 213 -11.38 13.76 3.54
N VAL A 214 -11.38 13.12 4.72
CA VAL A 214 -10.30 13.31 5.67
C VAL A 214 -9.98 12.04 6.41
N HIS A 215 -8.83 12.08 7.06
CA HIS A 215 -8.32 10.97 7.84
C HIS A 215 -9.25 10.63 8.99
N THR A 216 -9.29 9.35 9.31
CA THR A 216 -10.10 8.87 10.39
C THR A 216 -9.50 7.56 10.83
N LEU A 217 -9.38 7.37 12.14
CA LEU A 217 -8.85 6.12 12.65
C LEU A 217 -9.91 5.06 12.90
N VAL A 218 -9.60 3.90 12.35
CA VAL A 218 -10.45 2.75 12.45
C VAL A 218 -9.79 1.76 13.41
N GLY A 219 -10.60 1.11 14.23
CA GLY A 219 -10.06 0.14 15.15
C GLY A 219 -9.94 0.62 16.58
N LEU A 220 -10.31 1.89 16.79
CA LEU A 220 -10.25 2.51 18.11
C LEU A 220 -11.33 1.98 19.04
N ASP A 221 -12.46 1.62 18.45
CA ASP A 221 -13.58 1.12 19.23
C ASP A 221 -13.09 -0.07 20.08
N GLY A 222 -11.93 -0.61 19.74
CA GLY A 222 -11.41 -1.73 20.51
C GLY A 222 -10.82 -1.33 21.84
N VAL A 223 -10.69 -0.03 22.06
CA VAL A 223 -10.13 0.47 23.32
C VAL A 223 -11.18 0.63 24.39
N LEU A 224 -12.44 0.62 24.00
CA LEU A 224 -13.51 0.82 24.94
C LEU A 224 -13.93 -0.47 25.62
N ALA A 225 -13.03 -1.44 25.62
CA ALA A 225 -13.28 -2.72 26.26
C ALA A 225 -11.97 -3.49 26.35
N VAL A 226 -11.85 -4.31 27.39
CA VAL A 226 -10.63 -5.12 27.58
C VAL A 226 -10.66 -6.34 26.65
N GLY A 227 -9.75 -6.33 25.66
CA GLY A 227 -9.66 -7.41 24.68
C GLY A 227 -9.52 -8.74 25.39
N PRO A 228 -10.21 -9.80 24.92
CA PRO A 228 -10.11 -11.10 25.57
C PRO A 228 -8.65 -11.55 25.75
N ASP A 229 -7.80 -11.20 24.77
CA ASP A 229 -6.37 -11.55 24.83
C ASP A 229 -5.66 -10.41 25.54
N ASN A 230 -5.48 -10.57 26.85
CA ASN A 230 -4.90 -9.52 27.69
C ASN A 230 -4.06 -10.01 28.87
N PHE A 231 -3.35 -9.06 29.46
CA PHE A 231 -2.52 -9.30 30.62
C PHE A 231 -3.13 -8.50 31.74
N SER A 232 -3.48 -9.11 32.86
CA SER A 232 -4.05 -8.36 33.97
C SER A 232 -3.30 -8.74 35.21
N GLU A 233 -2.87 -7.75 36.00
CA GLU A 233 -2.16 -8.07 37.24
C GLU A 233 -1.94 -6.84 38.11
N SER A 234 -1.77 -7.07 39.41
CA SER A 234 -1.54 -6.02 40.39
C SER A 234 -0.64 -4.94 39.83
N PHE A 235 -1.02 -3.70 40.07
CA PHE A 235 -0.26 -2.58 39.58
C PHE A 235 1.21 -2.73 39.93
N ILE A 236 1.47 -2.92 41.21
CA ILE A 236 2.85 -3.02 41.71
C ILE A 236 3.80 -3.96 40.96
N LYS A 237 3.28 -5.06 40.43
CA LYS A 237 4.10 -6.03 39.69
C LYS A 237 4.63 -5.49 38.38
N GLY A 238 4.23 -4.26 38.04
CA GLY A 238 4.68 -3.62 36.81
C GLY A 238 4.24 -4.36 35.57
N VAL A 239 4.94 -4.12 34.46
CA VAL A 239 4.63 -4.78 33.21
C VAL A 239 5.59 -4.41 32.09
N PHE A 240 5.66 -5.29 31.09
CA PHE A 240 6.47 -5.12 29.91
C PHE A 240 5.73 -5.79 28.76
N SER A 241 5.65 -5.10 27.62
CA SER A 241 4.97 -5.64 26.43
C SER A 241 5.57 -4.97 25.19
N GLN A 242 5.43 -5.62 24.03
CA GLN A 242 5.96 -5.10 22.78
C GLN A 242 5.02 -5.39 21.62
N SER A 243 5.15 -4.61 20.56
CA SER A 243 4.31 -4.79 19.38
C SER A 243 5.14 -5.28 18.19
N ALA A 244 4.43 -5.77 17.16
CA ALA A 244 5.04 -6.30 15.96
C ALA A 244 4.29 -5.90 14.68
N CYS A 245 5.01 -5.94 13.56
CA CYS A 245 4.48 -5.59 12.26
C CYS A 245 3.13 -6.29 12.00
N ASN A 246 2.10 -5.51 11.71
CA ASN A 246 0.79 -6.08 11.43
C ASN A 246 0.58 -6.28 9.92
N GLU A 247 1.70 -6.44 9.21
CA GLU A 247 1.73 -6.62 7.75
C GLU A 247 2.62 -7.83 7.38
N PRO A 248 2.37 -8.50 6.23
CA PRO A 248 3.23 -9.63 5.87
C PRO A 248 4.67 -9.20 5.58
N ASP A 249 4.88 -7.89 5.41
CA ASP A 249 6.20 -7.35 5.16
C ASP A 249 6.32 -5.90 5.61
N PHE A 250 7.58 -5.47 5.71
CA PHE A 250 7.91 -4.14 6.16
C PHE A 250 7.95 -3.10 5.08
N GLU A 251 6.78 -2.65 4.63
CA GLU A 251 6.77 -1.64 3.58
C GLU A 251 6.88 -0.28 4.22
N PHE A 252 7.31 0.69 3.43
CA PHE A 252 7.48 2.05 3.90
C PHE A 252 6.21 2.86 3.87
N ASN A 253 6.04 3.63 4.93
CA ASN A 253 4.88 4.51 5.03
C ASN A 253 5.44 5.90 4.89
N ASP A 254 4.62 6.80 4.35
CA ASP A 254 5.07 8.16 4.13
C ASP A 254 4.91 9.02 5.37
N ILE A 255 5.54 10.18 5.32
CA ILE A 255 5.45 11.14 6.40
C ILE A 255 4.22 11.97 6.04
N LEU A 256 3.41 12.29 7.05
CA LEU A 256 2.20 13.07 6.87
C LEU A 256 2.28 14.53 7.29
N GLU A 257 1.82 15.39 6.41
CA GLU A 257 1.86 16.81 6.66
C GLU A 257 0.52 17.36 7.12
N GLY A 258 0.60 18.42 7.93
CA GLY A 258 -0.56 19.14 8.41
C GLY A 258 -1.44 18.56 9.48
N ILE A 259 -1.15 17.35 9.93
CA ILE A 259 -2.01 16.72 10.92
C ILE A 259 -1.62 17.11 12.34
N GLN A 260 -2.63 17.58 13.07
CA GLN A 260 -2.45 18.02 14.45
C GLN A 260 -3.55 17.43 15.33
N THR A 261 -4.74 17.25 14.75
CA THR A 261 -5.83 16.71 15.52
C THR A 261 -6.66 15.78 14.69
N LEU A 262 -7.26 14.82 15.38
CA LEU A 262 -8.12 13.81 14.80
C LEU A 262 -9.28 13.45 15.71
N PRO A 263 -10.52 13.82 15.31
CA PRO A 263 -10.87 14.52 14.06
C PRO A 263 -10.15 15.85 13.80
N PRO A 264 -9.82 16.11 12.53
CA PRO A 264 -9.13 17.35 12.20
C PRO A 264 -9.98 18.58 12.51
N ALA A 265 -9.40 19.73 12.24
CA ALA A 265 -10.06 20.99 12.48
C ALA A 265 -11.26 21.09 11.57
N ASN A 266 -12.39 21.56 12.11
CA ASN A 266 -13.63 21.75 11.36
C ASN A 266 -14.36 20.45 11.04
N VAL A 267 -14.04 19.38 11.76
CA VAL A 267 -14.70 18.09 11.56
C VAL A 267 -15.24 17.51 12.85
N SER A 268 -16.55 17.27 12.86
CA SER A 268 -17.20 16.74 14.05
C SER A 268 -16.81 15.29 14.24
N LEU A 269 -16.64 14.90 15.49
CA LEU A 269 -16.28 13.53 15.80
C LEU A 269 -17.34 12.57 15.26
N GLY A 270 -18.54 13.10 15.03
CA GLY A 270 -19.61 12.26 14.52
C GLY A 270 -19.38 11.88 13.07
N SER A 271 -18.70 12.75 12.34
CA SER A 271 -18.40 12.56 10.92
C SER A 271 -17.40 11.43 10.70
N THR A 272 -16.40 11.34 11.58
CA THR A 272 -15.32 10.34 11.49
C THR A 272 -15.62 8.91 11.97
N GLY A 273 -16.55 8.76 12.88
CA GLY A 273 -16.84 7.43 13.37
C GLY A 273 -15.95 7.12 14.55
N GLN A 274 -14.80 7.77 14.67
CA GLN A 274 -13.89 7.54 15.79
C GLN A 274 -14.65 7.69 17.11
N PRO A 275 -14.37 6.82 18.11
CA PRO A 275 -15.01 6.87 19.43
C PRO A 275 -14.58 8.05 20.33
N PHE A 276 -13.39 8.59 20.10
CA PHE A 276 -12.91 9.73 20.87
C PHE A 276 -11.93 10.55 20.06
N THR A 277 -11.29 11.53 20.69
CA THR A 277 -10.40 12.42 19.99
C THR A 277 -8.92 12.36 20.30
N MET A 278 -8.15 12.76 19.29
CA MET A 278 -6.69 12.78 19.37
C MET A 278 -6.19 14.18 19.13
N ASP A 279 -5.59 14.76 20.17
CA ASP A 279 -5.07 16.11 20.07
C ASP A 279 -3.57 16.13 20.34
N SER A 280 -2.80 16.49 19.32
CA SER A 280 -1.34 16.57 19.44
C SER A 280 -0.91 17.92 20.05
N GLY A 281 -1.79 18.91 19.99
CA GLY A 281 -1.47 20.19 20.58
C GLY A 281 -0.87 21.18 19.63
N ALA A 282 -0.03 22.05 20.19
CA ALA A 282 0.64 23.11 19.42
C ALA A 282 1.48 22.48 18.35
N GLU A 283 1.26 22.93 17.12
CA GLU A 283 2.01 22.42 15.99
C GLU A 283 3.50 22.64 16.18
N ALA A 284 3.84 23.51 17.11
CA ALA A 284 5.25 23.81 17.36
C ALA A 284 5.91 22.93 18.45
N THR A 285 5.14 22.04 19.06
CA THR A 285 5.68 21.15 20.10
C THR A 285 5.45 19.67 19.80
N SER A 286 4.37 19.36 19.08
CA SER A 286 4.03 17.99 18.73
C SER A 286 3.17 17.89 17.45
N GLY A 287 2.74 16.68 17.15
CA GLY A 287 1.93 16.47 15.97
C GLY A 287 2.01 15.04 15.46
N VAL A 288 1.18 14.80 14.46
CA VAL A 288 1.11 13.49 13.86
C VAL A 288 1.79 13.45 12.53
N VAL A 289 2.96 12.84 12.54
CA VAL A 289 3.81 12.77 11.37
C VAL A 289 3.62 11.53 10.53
N GLY A 290 2.93 10.55 11.06
CA GLY A 290 2.70 9.32 10.32
C GLY A 290 2.14 8.22 11.18
N TRP A 291 1.71 7.15 10.52
CA TRP A 291 1.13 5.99 11.21
C TRP A 291 1.72 4.68 10.69
N GLY A 292 2.57 4.06 11.50
CA GLY A 292 3.23 2.81 11.10
C GLY A 292 2.36 1.57 11.09
N ASN A 293 2.85 0.49 10.48
CA ASN A 293 2.08 -0.76 10.43
C ASN A 293 2.40 -1.64 11.64
N MET A 294 2.00 -1.15 12.81
CA MET A 294 2.19 -1.83 14.07
C MET A 294 0.90 -1.78 14.88
N ASP A 295 0.59 -2.88 15.53
CA ASP A 295 -0.61 -2.91 16.34
C ASP A 295 -0.37 -1.97 17.50
N THR A 296 -1.43 -1.31 17.95
CA THR A 296 -1.27 -0.37 19.02
C THR A 296 -1.52 -0.96 20.40
N ILE A 297 -0.57 -0.75 21.32
CA ILE A 297 -0.68 -1.29 22.66
C ILE A 297 -1.54 -0.42 23.55
N VAL A 298 -2.47 -1.05 24.26
CA VAL A 298 -3.37 -0.35 25.16
C VAL A 298 -3.06 -0.76 26.61
N ILE A 299 -2.95 0.23 27.48
CA ILE A 299 -2.64 -0.05 28.88
C ILE A 299 -3.59 0.65 29.82
N ARG A 300 -4.31 -0.11 30.65
CA ARG A 300 -5.22 0.48 31.61
C ARG A 300 -4.75 0.28 33.03
N VAL A 301 -4.36 1.39 33.65
CA VAL A 301 -3.90 1.39 35.03
C VAL A 301 -5.10 1.80 35.85
N SER A 302 -5.53 0.91 36.73
CA SER A 302 -6.70 1.18 37.55
C SER A 302 -6.25 1.63 38.92
N ALA A 303 -6.48 2.90 39.23
CA ALA A 303 -6.09 3.41 40.55
C ALA A 303 -7.37 3.62 41.34
N PRO A 304 -7.57 2.83 42.39
CA PRO A 304 -8.78 2.99 43.17
C PRO A 304 -8.65 4.25 44.02
N GLU A 305 -9.68 4.54 44.80
CA GLU A 305 -9.66 5.72 45.64
C GLU A 305 -8.54 5.61 46.68
N GLY A 306 -7.86 6.73 46.93
CA GLY A 306 -6.77 6.74 47.91
C GLY A 306 -5.57 5.88 47.57
N ALA A 307 -5.40 5.62 46.30
CA ALA A 307 -4.29 4.80 45.84
C ALA A 307 -3.12 5.67 45.40
N VAL A 308 -1.94 5.32 45.90
CA VAL A 308 -0.72 6.01 45.54
C VAL A 308 0.03 5.17 44.49
N ASN A 309 -0.23 5.47 43.23
CA ASN A 309 0.39 4.73 42.15
C ASN A 309 1.38 5.57 41.39
N SER A 310 2.67 5.36 41.71
CA SER A 310 3.78 6.08 41.09
C SER A 310 4.61 5.05 40.35
N ALA A 311 5.23 5.47 39.26
CA ALA A 311 6.08 4.55 38.54
C ALA A 311 6.88 5.27 37.46
N ILE A 312 7.68 4.50 36.72
CA ILE A 312 8.48 5.01 35.62
C ILE A 312 8.03 4.27 34.38
N LEU A 313 7.98 4.98 33.26
CA LEU A 313 7.59 4.32 32.05
C LEU A 313 8.65 4.55 31.00
N LYS A 314 9.09 3.45 30.39
CA LYS A 314 10.09 3.52 29.34
C LYS A 314 9.39 3.16 28.03
N ALA A 315 9.84 3.76 26.95
CA ALA A 315 9.24 3.45 25.67
C ALA A 315 10.38 3.21 24.71
N TRP A 316 10.42 2.04 24.09
CA TRP A 316 11.48 1.73 23.17
C TRP A 316 10.99 1.68 21.77
N SER A 317 11.68 2.36 20.88
CA SER A 317 11.25 2.30 19.52
C SER A 317 12.45 2.41 18.63
N CYS A 318 12.55 1.51 17.65
CA CYS A 318 13.66 1.54 16.72
C CYS A 318 12.94 1.72 15.41
N ILE A 319 13.33 2.72 14.64
CA ILE A 319 12.66 2.96 13.36
C ILE A 319 13.61 3.20 12.20
N GLU A 320 13.21 2.75 11.01
CA GLU A 320 14.09 2.92 9.87
C GLU A 320 13.46 4.05 9.04
N TYR A 321 14.20 5.14 8.83
CA TYR A 321 13.69 6.27 8.04
C TYR A 321 14.49 6.44 6.77
N ARG A 322 13.85 7.07 5.78
CA ARG A 322 14.49 7.35 4.51
C ARG A 322 14.95 8.80 4.63
N PRO A 323 16.25 9.02 4.81
CA PRO A 323 16.84 10.36 4.95
C PRO A 323 16.86 11.21 3.69
N ASN A 324 16.54 12.49 3.87
CA ASN A 324 16.55 13.44 2.78
C ASN A 324 18.00 13.91 2.66
N PRO A 325 18.56 13.87 1.45
CA PRO A 325 19.94 14.28 1.19
C PRO A 325 20.36 15.60 1.84
N ASN A 326 19.40 16.51 1.94
CA ASN A 326 19.58 17.84 2.53
C ASN A 326 19.73 17.80 4.08
N ALA A 327 19.06 16.84 4.71
CA ALA A 327 19.05 16.66 6.17
C ALA A 327 20.39 16.44 6.82
N MET A 328 20.49 16.80 8.09
CA MET A 328 21.74 16.62 8.82
C MET A 328 21.87 15.21 9.36
N LEU A 329 20.84 14.41 9.08
CA LEU A 329 20.80 13.02 9.49
C LEU A 329 21.46 12.12 8.50
N TYR A 330 21.42 12.51 7.24
CA TYR A 330 21.98 11.72 6.15
C TYR A 330 23.38 11.20 6.40
N GLN A 331 24.16 11.96 7.16
CA GLN A 331 25.54 11.58 7.47
C GLN A 331 25.66 10.35 8.38
N PHE A 332 24.57 9.92 8.99
CA PHE A 332 24.62 8.75 9.84
C PHE A 332 24.00 7.58 9.14
N GLY A 333 23.63 7.79 7.88
CA GLY A 333 23.00 6.75 7.11
C GLY A 333 23.80 5.55 6.71
N HIS A 334 23.13 4.41 6.60
CA HIS A 334 23.74 3.17 6.21
C HIS A 334 22.63 2.42 5.52
N ASP A 335 22.96 1.48 4.63
CA ASP A 335 21.96 0.72 3.91
C ASP A 335 21.20 -0.34 4.70
N SER A 336 19.94 -0.56 4.36
CA SER A 336 19.22 -1.56 5.08
C SER A 336 20.02 -2.80 4.85
N PRO A 337 20.06 -3.64 5.86
CA PRO A 337 20.80 -4.89 5.80
C PRO A 337 20.10 -5.77 4.79
N PRO A 338 20.85 -6.71 4.26
CA PRO A 338 20.36 -7.65 3.26
C PRO A 338 19.36 -8.59 3.85
N LEU A 339 18.56 -9.19 2.98
CA LEU A 339 17.56 -10.10 3.43
C LEU A 339 18.18 -11.22 4.20
N ASP A 340 17.48 -11.62 5.25
CA ASP A 340 17.91 -12.71 6.14
C ASP A 340 16.72 -13.56 6.51
N GLU A 341 16.38 -14.48 5.62
CA GLU A 341 15.25 -15.36 5.82
C GLU A 341 15.05 -15.90 7.23
N VAL A 342 16.14 -16.34 7.85
CA VAL A 342 16.06 -16.88 9.20
C VAL A 342 15.36 -15.87 10.12
N ALA A 343 15.96 -14.70 10.25
CA ALA A 343 15.44 -13.64 11.09
C ALA A 343 13.99 -13.27 10.78
N LEU A 344 13.66 -13.14 9.50
CA LEU A 344 12.30 -12.77 9.09
C LEU A 344 11.23 -13.81 9.42
N GLN A 345 11.69 -14.99 9.82
CA GLN A 345 10.73 -16.01 10.20
C GLN A 345 10.80 -16.25 11.69
N GLU A 346 11.95 -15.98 12.28
CA GLU A 346 12.10 -16.14 13.72
C GLU A 346 11.24 -15.04 14.33
N TYR A 347 11.32 -13.87 13.71
CA TYR A 347 10.56 -12.72 14.15
C TYR A 347 9.09 -13.11 14.24
N ARG A 348 8.53 -13.58 13.12
CA ARG A 348 7.13 -13.99 13.04
C ARG A 348 6.75 -15.06 14.08
N THR A 349 7.62 -16.04 14.25
CA THR A 349 7.38 -17.14 15.18
C THR A 349 7.50 -16.70 16.64
N VAL A 350 8.53 -15.92 16.96
CA VAL A 350 8.72 -15.44 18.32
C VAL A 350 7.54 -14.59 18.74
N ALA A 351 7.18 -13.65 17.89
CA ALA A 351 6.06 -12.76 18.11
C ALA A 351 4.80 -13.52 18.51
N ARG A 352 4.37 -14.46 17.68
CA ARG A 352 3.17 -15.24 17.96
C ARG A 352 3.31 -16.10 19.24
N SER A 353 4.53 -16.43 19.63
CA SER A 353 4.81 -17.26 20.81
C SER A 353 4.75 -16.52 22.14
N LEU A 354 5.30 -15.30 22.16
CA LEU A 354 5.35 -14.47 23.37
C LEU A 354 3.97 -14.08 23.87
N PRO A 355 3.77 -14.07 25.20
CA PRO A 355 2.48 -13.70 25.77
C PRO A 355 2.24 -12.22 25.57
N VAL A 356 0.98 -11.82 25.76
CA VAL A 356 0.58 -10.42 25.58
C VAL A 356 1.60 -9.47 26.21
N ALA A 357 1.90 -9.73 27.49
CA ALA A 357 2.87 -8.97 28.26
C ALA A 357 3.27 -9.77 29.50
N VAL A 358 4.33 -9.33 30.18
CA VAL A 358 4.76 -10.01 31.38
C VAL A 358 5.00 -9.00 32.48
N ILE A 359 5.04 -9.46 33.72
CA ILE A 359 5.28 -8.56 34.84
C ILE A 359 6.65 -7.89 34.69
N ALA A 360 6.85 -6.75 35.35
CA ALA A 360 8.11 -6.01 35.24
C ALA A 360 9.30 -6.71 35.83
N ALA A 361 9.07 -7.66 36.75
CA ALA A 361 10.15 -8.41 37.37
C ALA A 361 10.86 -9.28 36.31
N GLN A 362 10.25 -9.39 35.13
CA GLN A 362 10.78 -10.19 34.01
C GLN A 362 10.73 -9.47 32.65
N ASN A 363 11.31 -8.27 32.57
CA ASN A 363 11.33 -7.47 31.33
C ASN A 363 12.55 -7.77 30.47
N ALA B 1 13.71 -16.08 34.07
CA ALA B 1 13.00 -14.77 34.20
C ALA B 1 13.36 -13.78 33.07
N SER B 2 14.64 -13.72 32.71
CA SER B 2 15.15 -12.83 31.64
C SER B 2 14.27 -12.83 30.37
N MET B 3 14.33 -11.74 29.59
CA MET B 3 13.54 -11.63 28.35
C MET B 3 14.27 -12.12 27.10
N TRP B 4 15.59 -11.95 27.05
CA TRP B 4 16.38 -12.39 25.90
C TRP B 4 16.47 -13.91 25.93
N GLU B 5 16.43 -14.49 27.12
CA GLU B 5 16.50 -15.94 27.28
C GLU B 5 15.13 -16.58 26.97
N ARG B 6 14.06 -15.79 27.04
CA ARG B 6 12.71 -16.27 26.71
C ARG B 6 12.64 -16.38 25.18
N VAL B 7 13.34 -15.47 24.51
CA VAL B 7 13.40 -15.45 23.04
C VAL B 7 14.38 -16.54 22.55
N LYS B 8 15.53 -16.69 23.23
CA LYS B 8 16.52 -17.71 22.85
C LYS B 8 15.92 -19.09 23.04
N SER B 9 14.98 -19.23 23.97
CA SER B 9 14.32 -20.51 24.23
C SER B 9 13.29 -20.81 23.15
N ILE B 10 12.64 -19.77 22.63
CA ILE B 10 11.64 -19.96 21.57
C ILE B 10 12.35 -20.21 20.23
N ILE B 11 13.51 -19.57 20.01
CA ILE B 11 14.28 -19.74 18.77
C ILE B 11 14.82 -21.16 18.65
N LYS B 12 15.32 -21.71 19.76
CA LYS B 12 15.86 -23.06 19.78
C LYS B 12 14.74 -24.12 19.88
N SER B 13 13.57 -23.74 20.41
CA SER B 13 12.44 -24.69 20.52
C SER B 13 11.73 -24.90 19.17
N SER B 14 11.79 -23.91 18.29
CA SER B 14 11.18 -24.05 16.96
C SER B 14 12.22 -24.46 15.93
N LEU B 15 13.49 -24.10 16.16
CA LEU B 15 14.60 -24.45 15.26
C LEU B 15 14.93 -25.94 15.54
N ALA B 16 14.14 -26.55 16.44
CA ALA B 16 14.31 -27.97 16.81
C ALA B 16 13.31 -28.86 16.08
N ALA B 17 12.25 -28.27 15.53
CA ALA B 17 11.25 -29.04 14.79
C ALA B 17 11.85 -29.45 13.43
N ALA B 18 12.97 -28.82 13.06
CA ALA B 18 13.70 -29.08 11.81
C ALA B 18 12.79 -29.18 10.60
N ALA C 55 4.78 -31.98 -3.68
CA ALA C 55 3.53 -32.60 -4.20
C ALA C 55 2.39 -32.11 -3.28
N LEU C 56 1.44 -32.99 -2.96
CA LEU C 56 0.31 -32.65 -2.09
C LEU C 56 0.69 -32.85 -0.62
N THR C 57 1.89 -33.39 -0.39
CA THR C 57 2.40 -33.69 0.94
C THR C 57 3.40 -32.67 1.47
N ARG C 58 3.84 -31.75 0.60
CA ARG C 58 4.79 -30.72 0.97
C ARG C 58 4.04 -29.53 1.59
N LEU C 59 2.74 -29.48 1.33
CA LEU C 59 1.86 -28.42 1.83
C LEU C 59 1.40 -28.67 3.27
N SER C 60 1.42 -27.62 4.08
CA SER C 60 0.96 -27.74 5.47
C SER C 60 -0.56 -27.78 5.40
N GLN C 61 -1.21 -28.23 6.47
CA GLN C 61 -2.66 -28.27 6.46
C GLN C 61 -3.24 -26.95 5.98
N PRO C 62 -2.88 -25.83 6.64
CA PRO C 62 -3.39 -24.52 6.22
C PRO C 62 -3.19 -24.25 4.73
N GLY C 63 -2.00 -24.57 4.22
CA GLY C 63 -1.65 -24.37 2.82
C GLY C 63 -2.56 -25.10 1.85
N LEU C 64 -2.84 -26.38 2.10
CA LEU C 64 -3.72 -27.17 1.25
C LEU C 64 -5.13 -26.57 1.31
N ALA C 65 -5.59 -26.37 2.55
CA ALA C 65 -6.91 -25.80 2.83
C ALA C 65 -7.11 -24.46 2.14
N PHE C 66 -6.06 -23.63 2.21
CA PHE C 66 -6.09 -22.31 1.59
C PHE C 66 -6.39 -22.45 0.10
N LEU C 67 -5.61 -23.30 -0.57
CA LEU C 67 -5.78 -23.53 -1.99
C LEU C 67 -7.19 -24.04 -2.35
N LYS C 68 -7.84 -24.70 -1.41
CA LYS C 68 -9.19 -25.20 -1.67
C LYS C 68 -10.22 -24.08 -1.61
N CYS C 69 -10.28 -23.35 -0.50
CA CYS C 69 -11.26 -22.28 -0.39
C CYS C 69 -11.08 -21.28 -1.51
N ALA C 70 -9.90 -21.28 -2.12
CA ALA C 70 -9.59 -20.36 -3.19
C ALA C 70 -9.99 -20.80 -4.62
N PHE C 71 -9.99 -22.10 -4.88
CA PHE C 71 -10.31 -22.56 -6.23
C PHE C 71 -11.47 -23.52 -6.40
N ALA C 72 -11.91 -24.17 -5.32
CA ALA C 72 -13.02 -25.09 -5.48
C ALA C 72 -13.83 -25.30 -4.19
N PRO C 73 -14.66 -24.32 -3.82
CA PRO C 73 -15.50 -24.38 -2.61
C PRO C 73 -16.79 -25.23 -2.63
N PRO C 74 -17.45 -25.40 -3.80
CA PRO C 74 -18.68 -26.20 -3.83
C PRO C 74 -18.39 -27.67 -3.56
N ASP C 75 -17.20 -28.06 -4.01
CA ASP C 75 -16.65 -29.40 -3.89
C ASP C 75 -16.44 -29.90 -2.46
N PHE C 76 -16.81 -29.09 -1.48
CA PHE C 76 -16.62 -29.49 -0.10
C PHE C 76 -17.87 -29.35 0.76
N ASN C 77 -17.94 -30.25 1.73
CA ASN C 77 -19.05 -30.32 2.68
C ASN C 77 -18.80 -29.22 3.70
N THR C 78 -17.56 -28.75 3.75
CA THR C 78 -17.18 -27.70 4.67
C THR C 78 -16.05 -26.84 4.14
N ASP C 79 -16.04 -25.59 4.59
CA ASP C 79 -15.05 -24.59 4.27
C ASP C 79 -13.69 -25.11 4.71
N PRO C 80 -12.82 -25.41 3.75
CA PRO C 80 -11.49 -25.91 4.15
C PRO C 80 -10.65 -24.76 4.77
N GLY C 81 -10.76 -23.57 4.15
CA GLY C 81 -10.06 -22.38 4.58
C GLY C 81 -9.84 -22.14 6.07
N LYS C 82 -8.60 -21.84 6.39
CA LYS C 82 -8.22 -21.58 7.77
C LYS C 82 -7.17 -20.46 7.85
N GLY C 83 -7.11 -19.66 6.79
CA GLY C 83 -6.18 -18.55 6.73
C GLY C 83 -5.26 -18.52 5.52
N ILE C 84 -4.47 -17.43 5.41
CA ILE C 84 -3.52 -17.25 4.32
C ILE C 84 -2.11 -17.59 4.82
N PRO C 85 -1.53 -18.67 4.26
CA PRO C 85 -0.21 -19.18 4.60
C PRO C 85 0.91 -18.24 4.20
N ASP C 86 0.84 -16.99 4.63
CA ASP C 86 1.92 -16.05 4.28
C ASP C 86 2.61 -15.62 5.54
N ARG C 87 3.65 -14.79 5.35
CA ARG C 87 4.47 -14.27 6.43
C ARG C 87 3.74 -13.89 7.71
N PHE C 88 2.59 -13.23 7.54
CA PHE C 88 1.78 -12.76 8.64
C PHE C 88 1.15 -13.87 9.46
N GLU C 89 1.30 -13.74 10.78
CA GLU C 89 0.77 -14.71 11.71
C GLU C 89 0.03 -14.07 12.87
N GLY C 90 -0.43 -12.84 12.67
CA GLY C 90 -1.15 -12.14 13.73
C GLY C 90 -2.57 -12.66 13.92
N LYS C 91 -3.31 -12.05 14.83
CA LYS C 91 -4.70 -12.44 15.13
C LYS C 91 -5.63 -12.01 14.01
N VAL C 92 -6.39 -12.98 13.50
CA VAL C 92 -7.34 -12.70 12.43
C VAL C 92 -8.60 -13.52 12.61
N VAL C 93 -9.54 -13.29 11.71
CA VAL C 93 -10.77 -14.03 11.74
C VAL C 93 -11.14 -14.40 10.32
N SER C 94 -11.18 -15.70 10.05
CA SER C 94 -11.51 -16.26 8.75
C SER C 94 -13.02 -16.30 8.62
N ARG C 95 -13.55 -15.77 7.52
CA ARG C 95 -14.99 -15.80 7.29
C ARG C 95 -15.25 -16.15 5.83
N LYS C 96 -15.94 -17.26 5.57
CA LYS C 96 -16.27 -17.66 4.20
C LYS C 96 -17.70 -17.19 3.96
N ASP C 97 -17.85 -16.15 3.14
CA ASP C 97 -19.15 -15.60 2.81
C ASP C 97 -19.74 -16.42 1.68
N VAL C 98 -20.96 -16.91 1.88
CA VAL C 98 -21.63 -17.70 0.84
C VAL C 98 -23.03 -17.18 0.67
N LEU C 99 -23.32 -16.79 -0.56
CA LEU C 99 -24.62 -16.30 -0.93
C LEU C 99 -25.27 -17.26 -1.90
N ASN C 100 -26.55 -17.50 -1.69
CA ASN C 100 -27.32 -18.39 -2.55
C ASN C 100 -28.53 -17.57 -2.96
N GLN C 101 -28.77 -17.39 -4.26
CA GLN C 101 -29.92 -16.59 -4.64
C GLN C 101 -30.66 -16.95 -5.91
N SER C 102 -31.91 -17.38 -5.75
CA SER C 102 -32.78 -17.73 -6.88
C SER C 102 -33.05 -16.44 -7.63
N ILE C 103 -32.64 -16.40 -8.89
CA ILE C 103 -32.84 -15.18 -9.66
C ILE C 103 -33.35 -15.44 -11.07
N SER C 104 -34.20 -14.54 -11.53
CA SER C 104 -34.77 -14.65 -12.85
C SER C 104 -34.43 -13.38 -13.64
N PHE C 105 -33.90 -13.58 -14.84
CA PHE C 105 -33.50 -12.48 -15.68
C PHE C 105 -34.55 -11.86 -16.57
N THR C 106 -34.44 -10.54 -16.66
CA THR C 106 -35.32 -9.71 -17.44
C THR C 106 -35.11 -9.99 -18.92
N ALA C 107 -36.19 -10.33 -19.63
CA ALA C 107 -36.13 -10.62 -21.06
C ALA C 107 -35.88 -9.34 -21.85
N GLY C 108 -35.17 -9.44 -22.97
CA GLY C 108 -34.90 -8.27 -23.80
C GLY C 108 -34.02 -7.25 -23.10
N GLN C 109 -33.20 -7.77 -22.20
CA GLN C 109 -32.30 -6.94 -21.44
C GLN C 109 -31.10 -7.69 -21.00
N ASP C 110 -29.96 -7.06 -21.25
CA ASP C 110 -28.69 -7.61 -20.87
C ASP C 110 -28.43 -7.11 -19.44
N THR C 111 -28.22 -8.06 -18.53
CA THR C 111 -27.97 -7.79 -17.13
C THR C 111 -26.48 -7.99 -16.80
N PHE C 112 -25.83 -6.94 -16.31
CA PHE C 112 -24.40 -6.97 -15.96
C PHE C 112 -24.19 -7.15 -14.47
N ILE C 113 -23.35 -8.12 -14.13
CA ILE C 113 -23.06 -8.42 -12.73
C ILE C 113 -21.58 -8.27 -12.49
N LEU C 114 -21.23 -7.56 -11.44
CA LEU C 114 -19.84 -7.45 -11.05
C LEU C 114 -19.66 -8.19 -9.75
N ILE C 115 -18.67 -9.06 -9.71
CA ILE C 115 -18.17 -9.53 -8.44
C ILE C 115 -16.87 -8.82 -8.18
N ALA C 116 -16.85 -8.06 -7.09
CA ALA C 116 -15.75 -7.15 -6.82
C ALA C 116 -15.49 -7.17 -5.34
N PRO C 117 -14.26 -6.85 -4.96
CA PRO C 117 -13.80 -7.21 -3.63
C PRO C 117 -14.32 -6.16 -2.69
N THR C 118 -15.64 -6.12 -2.55
CA THR C 118 -16.25 -5.34 -1.50
C THR C 118 -16.81 -6.27 -0.46
N PRO C 119 -16.27 -6.12 0.74
CA PRO C 119 -16.67 -6.91 1.90
C PRO C 119 -18.15 -6.79 2.18
N GLY C 120 -18.74 -7.93 2.52
CA GLY C 120 -20.16 -7.97 2.84
C GLY C 120 -21.07 -8.02 1.63
N VAL C 121 -20.64 -7.43 0.52
CA VAL C 121 -21.46 -7.42 -0.68
C VAL C 121 -21.02 -8.46 -1.69
N ALA C 122 -21.93 -9.39 -1.97
CA ALA C 122 -21.61 -10.45 -2.93
C ALA C 122 -21.28 -9.84 -4.28
N TYR C 123 -22.29 -9.21 -4.88
CA TYR C 123 -22.11 -8.60 -6.18
C TYR C 123 -22.94 -7.35 -6.40
N TRP C 124 -22.72 -6.75 -7.57
CA TRP C 124 -23.40 -5.54 -7.98
C TRP C 124 -24.01 -5.79 -9.33
N SER C 125 -25.27 -5.41 -9.50
CA SER C 125 -25.92 -5.65 -10.79
C SER C 125 -26.59 -4.40 -11.33
N ALA C 126 -27.07 -4.49 -12.58
CA ALA C 126 -27.79 -3.42 -13.25
C ALA C 126 -28.18 -3.95 -14.61
N SER C 127 -29.39 -3.64 -15.08
CA SER C 127 -29.76 -4.11 -16.40
C SER C 127 -29.82 -2.93 -17.37
N VAL C 128 -29.48 -3.23 -18.61
CA VAL C 128 -29.48 -2.23 -19.67
C VAL C 128 -30.13 -2.85 -20.88
N PRO C 129 -30.42 -2.03 -21.89
CA PRO C 129 -31.05 -2.47 -23.13
C PRO C 129 -30.22 -3.57 -23.80
N ALA C 130 -30.87 -4.57 -24.40
CA ALA C 130 -30.13 -5.65 -25.04
C ALA C 130 -29.08 -5.12 -26.02
N GLY C 131 -27.92 -5.78 -26.07
CA GLY C 131 -26.84 -5.38 -26.96
C GLY C 131 -26.08 -4.14 -26.56
N THR C 132 -26.37 -3.59 -25.39
CA THR C 132 -25.70 -2.37 -24.94
C THR C 132 -24.90 -2.60 -23.67
N PHE C 133 -24.06 -1.63 -23.34
CA PHE C 133 -23.21 -1.69 -22.16
C PHE C 133 -23.64 -0.58 -21.23
N PRO C 134 -23.13 -0.56 -20.00
CA PRO C 134 -23.47 0.46 -19.01
C PRO C 134 -23.08 1.82 -19.59
N THR C 135 -23.83 2.85 -19.20
CA THR C 135 -23.55 4.20 -19.68
C THR C 135 -23.50 5.07 -18.44
N SER C 136 -23.27 6.36 -18.63
CA SER C 136 -23.24 7.28 -17.51
C SER C 136 -24.58 7.28 -16.76
N ALA C 137 -25.64 6.85 -17.45
CA ALA C 137 -26.99 6.80 -16.89
C ALA C 137 -27.22 5.55 -16.08
N THR C 138 -26.22 4.67 -16.06
CA THR C 138 -26.34 3.42 -15.34
C THR C 138 -25.80 3.49 -13.93
N THR C 139 -26.44 2.73 -13.05
CA THR C 139 -26.09 2.66 -11.65
C THR C 139 -26.24 1.24 -11.12
N PHE C 140 -25.15 0.72 -10.54
CA PHE C 140 -25.13 -0.63 -10.00
C PHE C 140 -25.51 -0.66 -8.55
N ASN C 141 -26.31 -1.65 -8.21
CA ASN C 141 -26.77 -1.82 -6.85
C ASN C 141 -26.32 -3.14 -6.27
N PRO C 142 -25.86 -3.10 -5.03
CA PRO C 142 -25.36 -4.25 -4.29
C PRO C 142 -26.36 -5.31 -3.87
N VAL C 143 -25.82 -6.51 -3.70
CA VAL C 143 -26.60 -7.62 -3.20
C VAL C 143 -25.73 -8.24 -2.13
N ASN C 144 -26.00 -7.84 -0.89
CA ASN C 144 -25.25 -8.29 0.28
C ASN C 144 -25.17 -9.77 0.59
N TYR C 145 -24.12 -10.16 1.31
CA TYR C 145 -23.98 -11.52 1.75
C TYR C 145 -24.79 -11.50 3.03
N PRO C 146 -25.19 -12.67 3.51
CA PRO C 146 -25.97 -12.76 4.74
C PRO C 146 -25.31 -12.02 5.92
N GLY C 147 -26.11 -11.23 6.64
CA GLY C 147 -25.62 -10.48 7.78
C GLY C 147 -24.64 -9.31 7.59
N PHE C 148 -24.84 -8.49 6.57
CA PHE C 148 -23.94 -7.36 6.32
C PHE C 148 -23.90 -6.41 7.52
N THR C 149 -25.08 -6.03 7.96
CA THR C 149 -25.25 -5.12 9.07
C THR C 149 -24.58 -5.60 10.34
N SER C 150 -24.67 -6.89 10.61
CA SER C 150 -24.08 -7.46 11.81
C SER C 150 -22.54 -7.35 11.81
N MET C 151 -22.00 -7.00 10.64
CA MET C 151 -20.56 -6.86 10.47
C MET C 151 -20.10 -5.40 10.45
N PHE C 152 -20.83 -4.60 9.68
CA PHE C 152 -20.46 -3.21 9.53
C PHE C 152 -21.50 -2.19 9.95
N GLY C 153 -22.32 -2.54 10.93
CA GLY C 153 -23.32 -1.61 11.40
C GLY C 153 -24.36 -1.13 10.38
N THR C 154 -25.09 -0.08 10.78
CA THR C 154 -26.16 0.45 9.94
C THR C 154 -26.00 1.92 9.54
N THR C 155 -24.85 2.50 9.87
CA THR C 155 -24.57 3.88 9.57
C THR C 155 -23.28 3.93 8.78
N SER C 156 -23.17 4.88 7.86
CA SER C 156 -21.97 4.96 7.04
C SER C 156 -20.71 5.23 7.86
N THR C 157 -20.86 5.54 9.15
CA THR C 157 -19.67 5.81 9.97
C THR C 157 -19.43 4.81 11.13
N SER C 158 -19.93 3.59 10.95
CA SER C 158 -19.77 2.56 11.94
C SER C 158 -19.38 1.27 11.24
N ARG C 159 -18.57 1.39 10.20
CA ARG C 159 -18.10 0.24 9.45
C ARG C 159 -16.95 -0.47 10.19
N SER C 160 -16.03 0.34 10.70
CA SER C 160 -14.86 -0.12 11.43
C SER C 160 -15.11 -0.37 12.92
N ASP C 161 -16.35 -0.64 13.29
CA ASP C 161 -16.69 -0.88 14.68
C ASP C 161 -16.29 -2.28 15.09
N GLN C 162 -16.53 -3.25 14.21
CA GLN C 162 -16.19 -4.64 14.50
C GLN C 162 -14.77 -5.05 14.13
N VAL C 163 -14.36 -4.64 12.94
CA VAL C 163 -13.04 -4.95 12.40
C VAL C 163 -12.41 -3.69 11.85
N SER C 164 -11.08 -3.66 11.80
CA SER C 164 -10.36 -2.49 11.29
C SER C 164 -9.83 -2.62 9.85
N SER C 165 -9.23 -3.76 9.52
CA SER C 165 -8.73 -3.98 8.17
C SER C 165 -9.05 -5.40 7.68
N PHE C 166 -8.68 -5.68 6.43
CA PHE C 166 -8.97 -6.98 5.85
C PHE C 166 -8.12 -7.30 4.62
N ARG C 167 -8.35 -8.50 4.09
CA ARG C 167 -7.68 -8.97 2.89
C ARG C 167 -8.37 -10.26 2.42
N TYR C 168 -8.68 -10.28 1.14
CA TYR C 168 -9.37 -11.38 0.48
C TYR C 168 -8.42 -12.54 0.19
N ALA C 169 -8.96 -13.75 0.17
CA ALA C 169 -8.17 -14.94 -0.14
C ALA C 169 -8.70 -15.52 -1.46
N SER C 170 -10.02 -15.69 -1.52
CA SER C 170 -10.70 -16.22 -2.69
C SER C 170 -11.91 -15.36 -2.95
N MET C 171 -12.46 -15.55 -4.13
CA MET C 171 -13.63 -14.81 -4.53
C MET C 171 -14.20 -15.52 -5.75
N ASN C 172 -15.05 -16.51 -5.49
CA ASN C 172 -15.64 -17.30 -6.55
C ASN C 172 -17.10 -16.93 -6.83
N VAL C 173 -17.64 -17.50 -7.90
CA VAL C 173 -19.02 -17.25 -8.29
C VAL C 173 -19.53 -18.30 -9.28
N GLY C 174 -20.80 -18.66 -9.18
CA GLY C 174 -21.35 -19.66 -10.09
C GLY C 174 -22.80 -19.41 -10.45
N ILE C 175 -23.15 -19.77 -11.68
CA ILE C 175 -24.51 -19.61 -12.17
C ILE C 175 -25.07 -20.92 -12.66
N TYR C 176 -26.15 -21.35 -12.02
CA TYR C 176 -26.74 -22.61 -12.35
C TYR C 176 -28.13 -22.55 -12.92
N PRO C 177 -28.24 -22.52 -14.26
CA PRO C 177 -29.53 -22.46 -14.96
C PRO C 177 -30.54 -23.46 -14.44
N THR C 178 -31.79 -23.02 -14.27
CA THR C 178 -32.85 -23.90 -13.78
C THR C 178 -34.01 -23.92 -14.76
N SER C 179 -33.76 -23.40 -15.96
CA SER C 179 -34.75 -23.31 -17.02
C SER C 179 -34.88 -24.59 -17.82
N ASN C 180 -36.08 -24.87 -18.34
CA ASN C 180 -36.26 -26.08 -19.13
C ASN C 180 -35.88 -25.79 -20.57
N LEU C 181 -35.66 -26.85 -21.33
CA LEU C 181 -35.22 -26.77 -22.72
C LEU C 181 -36.20 -26.18 -23.70
N MET C 182 -37.29 -25.64 -23.16
CA MET C 182 -38.31 -25.06 -24.00
C MET C 182 -38.45 -23.59 -23.68
N GLN C 183 -37.62 -23.09 -22.76
CA GLN C 183 -37.74 -21.70 -22.38
C GLN C 183 -36.47 -20.87 -22.40
N PHE C 184 -35.36 -21.48 -22.03
CA PHE C 184 -34.08 -20.78 -21.99
C PHE C 184 -33.61 -20.30 -23.33
N ALA C 185 -32.89 -19.18 -23.31
CA ALA C 185 -32.32 -18.58 -24.51
C ALA C 185 -31.28 -17.59 -24.05
N GLY C 186 -30.39 -17.16 -24.92
CA GLY C 186 -29.39 -16.19 -24.53
C GLY C 186 -27.96 -16.66 -24.30
N SER C 187 -27.11 -15.76 -23.86
CA SER C 187 -25.70 -16.05 -23.60
C SER C 187 -25.12 -15.56 -22.28
N ILE C 188 -23.96 -16.07 -21.90
CA ILE C 188 -23.26 -15.62 -20.69
C ILE C 188 -21.82 -15.31 -21.06
N THR C 189 -21.48 -14.05 -20.96
CA THR C 189 -20.14 -13.60 -21.28
C THR C 189 -19.44 -13.17 -19.99
N VAL C 190 -18.17 -13.52 -19.88
CA VAL C 190 -17.39 -13.24 -18.68
C VAL C 190 -15.96 -12.84 -18.95
N TRP C 191 -15.51 -11.81 -18.26
CA TRP C 191 -14.12 -11.37 -18.37
C TRP C 191 -13.79 -10.69 -17.06
N LYS C 192 -12.54 -10.37 -16.83
CA LYS C 192 -12.18 -9.74 -15.58
C LYS C 192 -11.51 -8.38 -15.77
N CYS C 193 -11.80 -7.44 -14.87
CA CYS C 193 -11.24 -6.10 -14.91
C CYS C 193 -10.38 -5.79 -13.70
N PRO C 194 -9.23 -5.12 -13.94
CA PRO C 194 -8.28 -4.75 -12.91
C PRO C 194 -8.74 -3.47 -12.22
N VAL C 195 -9.93 -3.50 -11.62
CA VAL C 195 -10.44 -2.31 -10.99
C VAL C 195 -9.86 -2.07 -9.64
N LYS C 196 -9.23 -0.90 -9.54
CA LYS C 196 -8.58 -0.43 -8.34
C LYS C 196 -9.30 0.82 -7.87
N LEU C 197 -9.18 1.07 -6.58
CA LEU C 197 -9.79 2.24 -5.98
C LEU C 197 -8.77 3.33 -5.73
N SER C 198 -8.86 4.39 -6.52
CA SER C 198 -7.93 5.48 -6.40
C SER C 198 -8.59 6.77 -5.95
N THR C 199 -8.15 7.86 -6.56
CA THR C 199 -8.64 9.18 -6.23
C THR C 199 -8.45 10.18 -7.34
N VAL C 200 -9.22 11.25 -7.23
CA VAL C 200 -9.20 12.31 -8.21
C VAL C 200 -9.12 13.66 -7.51
N GLN C 201 -8.22 14.50 -7.99
CA GLN C 201 -8.02 15.82 -7.45
C GLN C 201 -8.50 16.86 -8.46
N PHE C 202 -9.34 17.78 -7.99
CA PHE C 202 -9.86 18.84 -8.84
C PHE C 202 -10.21 20.04 -7.98
N PRO C 203 -10.13 21.24 -8.57
CA PRO C 203 -10.43 22.50 -7.89
C PRO C 203 -11.93 22.75 -7.82
N VAL C 204 -12.36 23.50 -6.81
CA VAL C 204 -13.76 23.84 -6.59
C VAL C 204 -13.89 25.35 -6.34
N ALA C 205 -14.81 25.99 -7.04
CA ALA C 205 -15.03 27.42 -6.91
C ALA C 205 -15.94 27.75 -5.74
N THR C 206 -15.43 27.57 -4.54
CA THR C 206 -16.20 27.87 -3.35
C THR C 206 -15.60 29.15 -2.81
N ASP C 207 -16.03 29.53 -1.61
CA ASP C 207 -15.46 30.73 -1.01
C ASP C 207 -14.96 30.46 0.40
N PRO C 208 -13.63 30.47 0.57
CA PRO C 208 -12.67 30.73 -0.51
C PRO C 208 -12.58 29.53 -1.46
N ALA C 209 -11.89 29.69 -2.59
CA ALA C 209 -11.76 28.59 -3.54
C ALA C 209 -10.86 27.49 -2.95
N THR C 210 -11.23 26.23 -3.16
CA THR C 210 -10.48 25.09 -2.63
C THR C 210 -10.27 23.97 -3.64
N SER C 211 -9.43 22.98 -3.30
CA SER C 211 -9.19 21.82 -4.18
C SER C 211 -9.67 20.57 -3.45
N SER C 212 -10.60 19.86 -4.08
CA SER C 212 -11.14 18.65 -3.48
C SER C 212 -10.36 17.42 -3.84
N LEU C 213 -10.73 16.35 -3.18
CA LEU C 213 -10.10 15.09 -3.43
C LEU C 213 -11.04 14.04 -2.88
N VAL C 214 -11.42 13.11 -3.76
CA VAL C 214 -12.30 12.02 -3.39
C VAL C 214 -11.96 10.73 -4.11
N HIS C 215 -12.56 9.66 -3.60
CA HIS C 215 -12.38 8.32 -4.14
C HIS C 215 -12.92 8.22 -5.56
N THR C 216 -12.17 7.49 -6.40
CA THR C 216 -12.55 7.24 -7.78
C THR C 216 -12.16 5.85 -8.16
N LEU C 217 -12.99 5.22 -8.97
CA LEU C 217 -12.66 3.91 -9.43
C LEU C 217 -12.00 3.94 -10.78
N VAL C 218 -10.80 3.42 -10.73
CA VAL C 218 -9.94 3.39 -11.85
C VAL C 218 -10.04 2.06 -12.60
N GLY C 219 -10.06 2.15 -13.94
CA GLY C 219 -10.09 0.95 -14.78
C GLY C 219 -11.45 0.31 -14.86
N LEU C 220 -12.43 1.15 -14.59
CA LEU C 220 -13.81 0.74 -14.61
C LEU C 220 -14.27 0.63 -16.05
N ASP C 221 -13.62 1.44 -16.87
CA ASP C 221 -13.90 1.55 -18.30
C ASP C 221 -13.80 0.19 -18.98
N GLY C 222 -13.02 -0.70 -18.39
CA GLY C 222 -12.85 -2.01 -18.97
C GLY C 222 -14.12 -2.84 -19.04
N VAL C 223 -15.18 -2.37 -18.39
CA VAL C 223 -16.46 -3.07 -18.35
C VAL C 223 -17.29 -2.78 -19.59
N LEU C 224 -16.87 -1.79 -20.35
CA LEU C 224 -17.63 -1.41 -21.52
C LEU C 224 -17.20 -2.09 -22.80
N ALA C 225 -16.42 -3.16 -22.67
CA ALA C 225 -15.94 -3.90 -23.83
C ALA C 225 -15.56 -5.31 -23.36
N VAL C 226 -15.88 -6.32 -24.16
CA VAL C 226 -15.51 -7.68 -23.78
C VAL C 226 -14.09 -7.93 -24.24
N GLY C 227 -13.18 -7.95 -23.26
CA GLY C 227 -11.76 -8.14 -23.52
C GLY C 227 -11.44 -9.44 -24.23
N PRO C 228 -10.45 -9.43 -25.12
CA PRO C 228 -10.04 -10.62 -25.88
C PRO C 228 -9.96 -11.91 -25.04
N ASP C 229 -9.66 -11.76 -23.76
CA ASP C 229 -9.58 -12.92 -22.90
C ASP C 229 -10.93 -12.96 -22.24
N ASN C 230 -11.73 -13.96 -22.56
CA ASN C 230 -13.06 -14.10 -21.98
C ASN C 230 -13.70 -15.48 -22.16
N PHE C 231 -14.80 -15.68 -21.46
CA PHE C 231 -15.60 -16.90 -21.51
C PHE C 231 -16.92 -16.47 -22.13
N SER C 232 -17.43 -17.21 -23.08
CA SER C 232 -18.70 -16.84 -23.68
C SER C 232 -19.40 -18.10 -24.11
N GLU C 233 -20.55 -18.37 -23.52
CA GLU C 233 -21.30 -19.56 -23.88
C GLU C 233 -22.79 -19.43 -23.62
N SER C 234 -23.57 -20.28 -24.26
CA SER C 234 -25.02 -20.27 -24.11
C SER C 234 -25.41 -20.19 -22.63
N PHE C 235 -26.45 -19.41 -22.37
CA PHE C 235 -26.92 -19.23 -21.02
C PHE C 235 -27.09 -20.56 -20.33
N ILE C 236 -27.88 -21.44 -20.94
CA ILE C 236 -28.16 -22.75 -20.36
C ILE C 236 -26.95 -23.51 -19.80
N LYS C 237 -25.78 -23.29 -20.39
CA LYS C 237 -24.58 -23.99 -19.92
C LYS C 237 -24.03 -23.42 -18.61
N GLY C 238 -24.65 -22.34 -18.13
CA GLY C 238 -24.24 -21.70 -16.89
C GLY C 238 -22.80 -21.26 -16.92
N VAL C 239 -22.19 -21.19 -15.74
CA VAL C 239 -20.79 -20.79 -15.63
C VAL C 239 -20.26 -20.70 -14.21
N PHE C 240 -18.93 -20.87 -14.11
CA PHE C 240 -18.19 -20.81 -12.86
C PHE C 240 -16.86 -20.07 -13.11
N SER C 241 -16.50 -19.15 -12.22
CA SER C 241 -15.25 -18.40 -12.32
C SER C 241 -14.82 -17.88 -10.95
N GLN C 242 -13.52 -17.76 -10.76
CA GLN C 242 -12.93 -17.30 -9.50
C GLN C 242 -11.92 -16.21 -9.75
N SER C 243 -11.62 -15.42 -8.72
CA SER C 243 -10.70 -14.33 -8.87
C SER C 243 -9.56 -14.54 -7.88
N ALA C 244 -8.43 -13.89 -8.15
CA ALA C 244 -7.25 -14.01 -7.30
C ALA C 244 -6.52 -12.70 -7.03
N CYS C 245 -5.66 -12.74 -6.01
CA CYS C 245 -4.90 -11.57 -5.58
C CYS C 245 -4.12 -10.89 -6.71
N ASN C 246 -4.46 -9.64 -7.02
CA ASN C 246 -3.79 -8.90 -8.09
C ASN C 246 -2.57 -8.11 -7.59
N GLU C 247 -1.94 -8.64 -6.55
CA GLU C 247 -0.76 -8.04 -5.90
C GLU C 247 0.32 -9.11 -5.66
N PRO C 248 1.61 -8.72 -5.64
CA PRO C 248 2.65 -9.73 -5.40
C PRO C 248 2.58 -10.31 -3.98
N ASP C 249 1.83 -9.66 -3.09
CA ASP C 249 1.67 -10.16 -1.72
C ASP C 249 0.31 -9.81 -1.15
N PHE C 250 -0.05 -10.50 -0.08
CA PHE C 250 -1.35 -10.29 0.55
C PHE C 250 -1.28 -9.22 1.62
N GLU C 251 -1.43 -7.97 1.23
CA GLU C 251 -1.37 -6.88 2.20
C GLU C 251 -2.76 -6.54 2.70
N PHE C 252 -2.84 -6.04 3.92
CA PHE C 252 -4.12 -5.67 4.49
C PHE C 252 -4.62 -4.35 3.99
N ASN C 253 -5.93 -4.24 3.88
CA ASN C 253 -6.55 -3.02 3.45
C ASN C 253 -7.49 -2.53 4.55
N ASP C 254 -7.46 -1.23 4.80
CA ASP C 254 -8.26 -0.62 5.85
C ASP C 254 -9.74 -0.59 5.49
N ILE C 255 -10.56 -0.59 6.54
CA ILE C 255 -11.99 -0.50 6.36
C ILE C 255 -12.25 0.97 6.05
N LEU C 256 -13.13 1.25 5.09
CA LEU C 256 -13.44 2.61 4.71
C LEU C 256 -14.76 3.13 5.30
N GLU C 257 -14.68 4.30 5.91
CA GLU C 257 -15.83 4.89 6.57
C GLU C 257 -16.51 5.93 5.70
N GLY C 258 -17.83 5.91 5.78
CA GLY C 258 -18.69 6.88 5.12
C GLY C 258 -19.01 6.76 3.65
N ILE C 259 -18.63 5.66 3.02
CA ILE C 259 -18.89 5.53 1.59
C ILE C 259 -20.20 4.86 1.26
N GLN C 260 -21.05 5.59 0.56
CA GLN C 260 -22.35 5.06 0.18
C GLN C 260 -22.53 5.14 -1.32
N THR C 261 -21.90 6.14 -1.94
CA THR C 261 -22.02 6.29 -3.37
C THR C 261 -20.70 6.70 -3.99
N LEU C 262 -20.55 6.30 -5.26
CA LEU C 262 -19.37 6.58 -6.08
C LEU C 262 -19.74 6.79 -7.53
N PRO C 263 -19.60 8.03 -8.01
CA PRO C 263 -19.12 9.20 -7.26
C PRO C 263 -19.93 9.54 -5.99
N PRO C 264 -19.24 10.04 -4.95
CA PRO C 264 -19.91 10.39 -3.70
C PRO C 264 -20.90 11.55 -3.87
N ALA C 265 -21.58 11.86 -2.78
CA ALA C 265 -22.55 12.92 -2.76
C ALA C 265 -21.86 14.23 -3.06
N ASN C 266 -22.52 15.05 -3.88
CA ASN C 266 -22.05 16.38 -4.29
C ASN C 266 -20.91 16.35 -5.29
N VAL C 267 -20.80 15.24 -6.02
CA VAL C 267 -19.74 15.08 -7.01
C VAL C 267 -20.37 14.63 -8.31
N SER C 268 -19.99 15.27 -9.41
CA SER C 268 -20.54 14.90 -10.71
C SER C 268 -19.74 13.74 -11.26
N LEU C 269 -20.43 12.83 -11.94
CA LEU C 269 -19.77 11.67 -12.51
C LEU C 269 -18.63 12.12 -13.41
N GLY C 270 -18.82 13.26 -14.07
CA GLY C 270 -17.80 13.78 -14.97
C GLY C 270 -16.46 14.08 -14.34
N SER C 271 -16.47 14.61 -13.12
CA SER C 271 -15.22 14.94 -12.44
C SER C 271 -14.48 13.74 -11.85
N THR C 272 -15.09 12.56 -11.88
CA THR C 272 -14.45 11.35 -11.36
C THR C 272 -13.82 10.48 -12.44
N GLY C 273 -14.28 10.64 -13.68
CA GLY C 273 -13.72 9.83 -14.75
C GLY C 273 -14.42 8.50 -14.86
N GLN C 274 -14.99 8.02 -13.76
CA GLN C 274 -15.72 6.73 -13.76
C GLN C 274 -16.76 6.77 -14.85
N PRO C 275 -16.96 5.66 -15.57
CA PRO C 275 -17.94 5.56 -16.64
C PRO C 275 -19.42 5.45 -16.22
N PHE C 276 -19.65 4.96 -15.00
CA PHE C 276 -21.00 4.86 -14.46
C PHE C 276 -20.98 5.01 -12.95
N THR C 277 -22.15 4.92 -12.33
CA THR C 277 -22.28 5.13 -10.90
C THR C 277 -22.56 3.92 -10.06
N MET C 278 -22.03 3.98 -8.84
CA MET C 278 -22.15 2.93 -7.84
C MET C 278 -22.98 3.39 -6.66
N ASP C 279 -24.10 2.72 -6.42
CA ASP C 279 -24.93 3.12 -5.33
C ASP C 279 -25.29 1.98 -4.39
N SER C 280 -24.81 2.05 -3.15
CA SER C 280 -25.10 1.02 -2.17
C SER C 280 -26.44 1.23 -1.46
N GLY C 281 -27.06 2.37 -1.69
CA GLY C 281 -28.35 2.63 -1.06
C GLY C 281 -28.31 3.18 0.35
N ALA C 282 -29.35 2.83 1.12
CA ALA C 282 -29.49 3.30 2.49
C ALA C 282 -28.35 2.79 3.32
N GLU C 283 -27.70 3.70 4.02
CA GLU C 283 -26.57 3.34 4.86
C GLU C 283 -27.00 2.30 5.89
N ALA C 284 -28.30 2.22 6.10
CA ALA C 284 -28.86 1.28 7.07
C ALA C 284 -28.92 -0.16 6.58
N THR C 285 -28.82 -0.35 5.26
CA THR C 285 -28.87 -1.69 4.69
C THR C 285 -27.61 -2.16 3.99
N SER C 286 -26.88 -1.23 3.37
CA SER C 286 -25.65 -1.58 2.68
C SER C 286 -24.68 -0.41 2.60
N GLY C 287 -23.53 -0.66 2.00
CA GLY C 287 -22.53 0.38 1.88
C GLY C 287 -21.20 -0.23 1.49
N VAL C 288 -20.28 0.65 1.16
CA VAL C 288 -18.96 0.24 0.75
C VAL C 288 -17.95 0.35 1.88
N VAL C 289 -17.59 -0.80 2.40
CA VAL C 289 -16.70 -0.89 3.55
C VAL C 289 -15.24 -1.04 3.22
N GLY C 290 -14.91 -1.15 1.93
CA GLY C 290 -13.52 -1.33 1.56
C GLY C 290 -13.33 -1.95 0.18
N TRP C 291 -12.10 -1.86 -0.33
CA TRP C 291 -11.80 -2.39 -1.65
C TRP C 291 -10.60 -3.29 -1.61
N GLY C 292 -10.82 -4.58 -1.85
CA GLY C 292 -9.76 -5.56 -1.80
C GLY C 292 -8.81 -5.60 -2.99
N ASN C 293 -7.75 -6.40 -2.87
CA ASN C 293 -6.76 -6.55 -3.96
C ASN C 293 -7.07 -7.79 -4.81
N MET C 294 -8.21 -7.79 -5.47
CA MET C 294 -8.63 -8.89 -6.32
C MET C 294 -9.20 -8.28 -7.59
N ASP C 295 -8.98 -8.92 -8.73
CA ASP C 295 -9.53 -8.36 -9.95
C ASP C 295 -11.03 -8.56 -9.90
N THR C 296 -11.76 -7.69 -10.57
CA THR C 296 -13.19 -7.79 -10.55
C THR C 296 -13.78 -8.61 -11.68
N ILE C 297 -14.65 -9.56 -11.34
CA ILE C 297 -15.26 -10.41 -12.35
C ILE C 297 -16.50 -9.74 -12.96
N VAL C 298 -16.47 -9.57 -14.28
CA VAL C 298 -17.56 -8.94 -15.01
C VAL C 298 -18.36 -10.03 -15.71
N ILE C 299 -19.68 -9.91 -15.71
CA ILE C 299 -20.53 -10.93 -16.34
C ILE C 299 -21.69 -10.34 -17.12
N ARG C 300 -21.78 -10.65 -18.40
CA ARG C 300 -22.90 -10.14 -19.19
C ARG C 300 -23.85 -11.24 -19.56
N VAL C 301 -25.07 -11.11 -19.09
CA VAL C 301 -26.06 -12.12 -19.38
C VAL C 301 -27.13 -11.54 -20.29
N SER C 302 -27.12 -11.99 -21.55
CA SER C 302 -28.06 -11.52 -22.58
C SER C 302 -29.33 -12.33 -22.62
N ALA C 303 -30.47 -11.68 -22.36
CA ALA C 303 -31.77 -12.36 -22.42
C ALA C 303 -32.55 -11.85 -23.64
N PRO C 304 -32.91 -12.78 -24.54
CA PRO C 304 -33.66 -12.40 -25.73
C PRO C 304 -35.07 -12.04 -25.30
N GLU C 305 -35.79 -11.40 -26.21
CA GLU C 305 -37.13 -11.02 -25.91
C GLU C 305 -37.98 -12.29 -25.92
N GLY C 306 -38.67 -12.54 -24.81
CA GLY C 306 -39.54 -13.71 -24.73
C GLY C 306 -38.87 -14.99 -24.30
N ALA C 307 -37.71 -14.86 -23.67
CA ALA C 307 -36.98 -16.01 -23.19
C ALA C 307 -37.09 -16.02 -21.67
N VAL C 308 -37.20 -17.23 -21.10
CA VAL C 308 -37.31 -17.42 -19.67
C VAL C 308 -36.00 -17.92 -19.10
N ASN C 309 -35.19 -16.99 -18.59
CA ASN C 309 -33.91 -17.38 -18.05
C ASN C 309 -33.89 -17.29 -16.55
N SER C 310 -33.97 -18.46 -15.92
CA SER C 310 -33.96 -18.59 -14.47
C SER C 310 -32.71 -19.37 -14.09
N ALA C 311 -32.12 -19.03 -12.96
CA ALA C 311 -30.94 -19.71 -12.50
C ALA C 311 -30.68 -19.44 -11.03
N ILE C 312 -29.70 -20.12 -10.46
CA ILE C 312 -29.34 -19.91 -9.08
C ILE C 312 -27.97 -19.32 -9.11
N LEU C 313 -27.74 -18.41 -8.20
CA LEU C 313 -26.47 -17.77 -8.17
C LEU C 313 -25.76 -17.97 -6.85
N LYS C 314 -24.51 -18.46 -6.91
CA LYS C 314 -23.73 -18.67 -5.70
C LYS C 314 -22.45 -17.83 -5.74
N ALA C 315 -22.01 -17.39 -4.57
CA ALA C 315 -20.79 -16.60 -4.46
C ALA C 315 -20.01 -16.89 -3.17
N TRP C 316 -18.72 -17.25 -3.32
CA TRP C 316 -17.82 -17.57 -2.21
C TRP C 316 -16.83 -16.45 -1.99
N SER C 317 -16.36 -16.32 -0.76
CA SER C 317 -15.37 -15.30 -0.46
C SER C 317 -14.68 -15.64 0.82
N CYS C 318 -13.43 -16.09 0.72
CA CYS C 318 -12.66 -16.40 1.91
C CYS C 318 -11.94 -15.09 2.27
N ILE C 319 -12.37 -14.41 3.34
CA ILE C 319 -11.74 -13.14 3.79
C ILE C 319 -11.15 -13.22 5.20
N GLU C 320 -10.02 -12.55 5.39
CA GLU C 320 -9.30 -12.57 6.66
C GLU C 320 -9.39 -11.15 7.19
N TYR C 321 -10.03 -10.99 8.35
CA TYR C 321 -10.17 -9.66 8.94
C TYR C 321 -9.37 -9.52 10.23
N ARG C 322 -9.05 -8.28 10.55
CA ARG C 322 -8.35 -7.94 11.77
C ARG C 322 -9.44 -7.55 12.76
N PRO C 323 -9.78 -8.44 13.71
CA PRO C 323 -10.82 -8.19 14.71
C PRO C 323 -10.48 -7.15 15.76
N ASN C 324 -11.50 -6.41 16.17
CA ASN C 324 -11.34 -5.40 17.18
C ASN C 324 -11.61 -6.08 18.50
N PRO C 325 -10.73 -5.87 19.49
CA PRO C 325 -10.84 -6.46 20.84
C PRO C 325 -12.21 -6.34 21.49
N ASN C 326 -12.94 -5.27 21.14
CA ASN C 326 -14.27 -5.03 21.65
C ASN C 326 -15.34 -5.89 20.95
N ALA C 327 -15.14 -6.16 19.65
CA ALA C 327 -16.08 -6.93 18.83
C ALA C 327 -16.42 -8.31 19.38
N MET C 328 -17.65 -8.74 19.12
CA MET C 328 -18.12 -10.04 19.57
C MET C 328 -17.54 -11.14 18.69
N LEU C 329 -16.81 -10.69 17.67
CA LEU C 329 -16.14 -11.53 16.68
C LEU C 329 -14.91 -12.15 17.24
N TYR C 330 -14.15 -11.29 17.88
CA TYR C 330 -12.87 -11.61 18.48
C TYR C 330 -12.72 -13.00 19.08
N GLN C 331 -13.74 -13.44 19.83
CA GLN C 331 -13.67 -14.75 20.47
C GLN C 331 -13.62 -15.93 19.49
N PHE C 332 -13.74 -15.64 18.19
CA PHE C 332 -13.70 -16.67 17.12
C PHE C 332 -12.37 -16.66 16.36
N GLY C 333 -11.60 -15.60 16.55
CA GLY C 333 -10.32 -15.48 15.87
C GLY C 333 -9.28 -16.50 16.25
N HIS C 334 -8.19 -16.47 15.50
CA HIS C 334 -7.06 -17.39 15.69
C HIS C 334 -5.87 -16.70 15.03
N ASP C 335 -4.74 -17.37 14.98
CA ASP C 335 -3.56 -16.79 14.33
C ASP C 335 -3.55 -17.07 12.84
N SER C 336 -3.06 -16.14 12.03
CA SER C 336 -3.01 -16.39 10.61
C SER C 336 -2.12 -17.59 10.46
N PRO C 337 -2.41 -18.37 9.44
CA PRO C 337 -1.63 -19.56 9.16
C PRO C 337 -0.23 -19.13 8.87
N PRO C 338 0.73 -19.97 9.23
CA PRO C 338 2.15 -19.71 9.04
C PRO C 338 2.52 -19.81 7.59
N LEU C 339 3.66 -19.28 7.21
CA LEU C 339 4.08 -19.30 5.83
C LEU C 339 4.21 -20.69 5.25
N ASP C 340 3.85 -20.83 3.97
CA ASP C 340 3.90 -22.11 3.27
C ASP C 340 4.35 -21.85 1.85
N GLU C 341 5.66 -21.70 1.65
CA GLU C 341 6.22 -21.43 0.34
C GLU C 341 5.57 -22.16 -0.82
N VAL C 342 5.41 -23.46 -0.64
CA VAL C 342 4.81 -24.33 -1.63
C VAL C 342 3.42 -23.85 -2.04
N ALA C 343 2.56 -23.67 -1.04
CA ALA C 343 1.18 -23.23 -1.27
C ALA C 343 1.13 -21.89 -2.01
N LEU C 344 1.98 -20.96 -1.59
CA LEU C 344 2.02 -19.65 -2.21
C LEU C 344 2.51 -19.67 -3.65
N GLN C 345 3.23 -20.74 -3.99
CA GLN C 345 3.74 -20.87 -5.34
C GLN C 345 2.66 -21.55 -6.18
N GLU C 346 2.01 -22.57 -5.60
CA GLU C 346 0.93 -23.29 -6.29
C GLU C 346 -0.16 -22.33 -6.63
N TYR C 347 -0.50 -21.48 -5.66
CA TYR C 347 -1.52 -20.49 -5.84
C TYR C 347 -1.26 -19.68 -7.12
N ARG C 348 -0.12 -18.99 -7.16
CA ARG C 348 0.27 -18.15 -8.31
C ARG C 348 0.20 -18.84 -9.66
N THR C 349 0.73 -20.07 -9.66
CA THR C 349 0.79 -20.92 -10.84
C THR C 349 -0.60 -21.38 -11.28
N VAL C 350 -1.32 -22.00 -10.35
CA VAL C 350 -2.67 -22.49 -10.63
C VAL C 350 -3.54 -21.37 -11.15
N ALA C 351 -3.53 -20.26 -10.44
CA ALA C 351 -4.30 -19.10 -10.81
C ALA C 351 -4.10 -18.70 -12.27
N ARG C 352 -2.86 -18.38 -12.64
CA ARG C 352 -2.53 -17.98 -14.00
C ARG C 352 -2.81 -19.07 -15.05
N SER C 353 -2.90 -20.31 -14.57
CA SER C 353 -3.13 -21.47 -15.44
C SER C 353 -4.59 -21.74 -15.74
N LEU C 354 -5.45 -21.44 -14.78
CA LEU C 354 -6.87 -21.64 -14.96
C LEU C 354 -7.47 -20.69 -15.98
N PRO C 355 -8.55 -21.12 -16.64
CA PRO C 355 -9.24 -20.32 -17.65
C PRO C 355 -10.09 -19.23 -17.02
N VAL C 356 -10.42 -18.23 -17.84
CA VAL C 356 -11.24 -17.12 -17.39
C VAL C 356 -12.40 -17.67 -16.56
N ALA C 357 -13.12 -18.60 -17.17
CA ALA C 357 -14.27 -19.24 -16.55
C ALA C 357 -14.53 -20.56 -17.25
N VAL C 358 -15.42 -21.35 -16.67
CA VAL C 358 -15.76 -22.66 -17.23
C VAL C 358 -17.28 -22.79 -17.21
N ILE C 359 -17.75 -23.84 -17.88
CA ILE C 359 -19.14 -24.16 -17.98
C ILE C 359 -19.67 -24.48 -16.61
N ALA C 360 -20.90 -24.06 -16.36
CA ALA C 360 -21.55 -24.30 -15.10
C ALA C 360 -21.59 -25.77 -14.75
N ALA C 361 -21.53 -26.61 -15.77
CA ALA C 361 -21.59 -28.03 -15.49
C ALA C 361 -20.48 -28.47 -14.55
N GLN C 362 -19.29 -27.93 -14.70
CA GLN C 362 -18.21 -28.34 -13.81
C GLN C 362 -17.65 -27.21 -12.91
N ASN C 363 -17.84 -27.36 -11.61
CA ASN C 363 -17.36 -26.40 -10.59
C ASN C 363 -17.01 -27.05 -9.23
N ALA D 1 -15.15 -34.65 -15.13
CA ALA D 1 -15.73 -33.27 -15.20
C ALA D 1 -15.81 -32.60 -13.82
N SER D 2 -14.67 -32.50 -13.14
CA SER D 2 -14.59 -31.89 -11.80
C SER D 2 -13.71 -30.62 -11.78
N MET D 3 -13.86 -29.77 -10.76
CA MET D 3 -13.07 -28.55 -10.64
C MET D 3 -11.79 -28.76 -9.83
N TRP D 4 -11.95 -29.23 -8.59
CA TRP D 4 -10.84 -29.51 -7.67
C TRP D 4 -9.77 -30.34 -8.34
N GLU D 5 -10.20 -31.28 -9.17
CA GLU D 5 -9.28 -32.15 -9.86
C GLU D 5 -8.48 -31.42 -10.95
N ARG D 6 -9.05 -30.38 -11.55
CA ARG D 6 -8.31 -29.63 -12.58
C ARG D 6 -7.25 -28.79 -11.87
N VAL D 7 -7.47 -28.54 -10.58
CA VAL D 7 -6.53 -27.79 -9.77
C VAL D 7 -5.44 -28.75 -9.28
N LYS D 8 -5.84 -29.94 -8.86
CA LYS D 8 -4.88 -30.95 -8.37
C LYS D 8 -3.97 -31.41 -9.51
N SER D 9 -4.39 -31.18 -10.75
CA SER D 9 -3.62 -31.56 -11.95
C SER D 9 -2.57 -30.51 -12.31
N ILE D 10 -2.97 -29.24 -12.31
CA ILE D 10 -2.06 -28.16 -12.63
C ILE D 10 -1.00 -28.03 -11.51
N ILE D 11 -1.25 -28.66 -10.35
CA ILE D 11 -0.32 -28.65 -9.20
C ILE D 11 0.75 -29.76 -9.32
N LYS D 12 0.33 -30.92 -9.78
CA LYS D 12 1.23 -32.07 -9.95
C LYS D 12 1.91 -32.07 -11.34
N SER D 13 1.46 -31.18 -12.23
CA SER D 13 2.03 -31.08 -13.57
C SER D 13 3.22 -30.12 -13.57
N SER D 14 3.14 -29.06 -12.77
CA SER D 14 4.22 -28.09 -12.69
C SER D 14 5.24 -28.50 -11.62
N LEU D 15 4.87 -29.45 -10.77
CA LEU D 15 5.75 -29.95 -9.70
C LEU D 15 6.52 -31.18 -10.21
N ALA D 16 6.43 -31.42 -11.53
CA ALA D 16 7.11 -32.55 -12.18
C ALA D 16 8.35 -32.04 -12.95
N ALA D 17 8.40 -30.72 -13.16
CA ALA D 17 9.53 -30.09 -13.87
C ALA D 17 10.37 -29.25 -12.90
N ALA E 55 27.21 -19.38 -14.39
CA ALA E 55 26.73 -18.59 -13.21
C ALA E 55 25.39 -17.92 -13.50
N LEU E 56 25.32 -17.16 -14.60
CA LEU E 56 24.11 -16.45 -15.01
C LEU E 56 23.12 -17.36 -15.72
N THR E 57 23.23 -18.67 -15.47
CA THR E 57 22.33 -19.64 -16.07
C THR E 57 21.34 -20.10 -15.02
N ARG E 58 21.50 -19.56 -13.81
CA ARG E 58 20.61 -19.87 -12.69
C ARG E 58 19.40 -18.94 -12.72
N LEU E 59 19.42 -17.99 -13.65
CA LEU E 59 18.37 -17.00 -13.84
C LEU E 59 17.44 -17.46 -14.96
N SER E 60 16.13 -17.26 -14.79
CA SER E 60 15.17 -17.65 -15.81
C SER E 60 15.36 -16.67 -16.96
N GLN E 61 14.84 -17.03 -18.13
CA GLN E 61 14.98 -16.15 -19.29
C GLN E 61 14.57 -14.70 -18.96
N PRO E 62 13.34 -14.51 -18.44
CA PRO E 62 12.80 -13.19 -18.08
C PRO E 62 13.59 -12.58 -16.96
N GLY E 63 13.96 -13.42 -15.98
CA GLY E 63 14.74 -12.95 -14.85
C GLY E 63 16.01 -12.23 -15.28
N LEU E 64 16.59 -12.70 -16.38
CA LEU E 64 17.80 -12.07 -16.91
C LEU E 64 17.38 -10.82 -17.67
N ALA E 65 16.38 -10.97 -18.53
CA ALA E 65 15.81 -9.88 -19.34
C ALA E 65 15.49 -8.72 -18.41
N PHE E 66 14.78 -9.06 -17.35
CA PHE E 66 14.40 -8.10 -16.34
C PHE E 66 15.62 -7.29 -15.87
N LEU E 67 16.68 -7.99 -15.47
CA LEU E 67 17.89 -7.35 -14.97
C LEU E 67 18.57 -6.41 -15.99
N LYS E 68 18.45 -6.74 -17.28
CA LYS E 68 19.02 -5.89 -18.31
C LYS E 68 18.29 -4.55 -18.44
N CYS E 69 16.95 -4.59 -18.49
CA CYS E 69 16.14 -3.38 -18.57
C CYS E 69 16.39 -2.53 -17.33
N ALA E 70 16.66 -3.21 -16.22
CA ALA E 70 16.90 -2.56 -14.96
C ALA E 70 18.19 -1.75 -14.88
N PHE E 71 19.32 -2.37 -15.20
CA PHE E 71 20.62 -1.70 -15.09
C PHE E 71 21.32 -1.23 -16.35
N ALA E 72 21.10 -1.89 -17.48
CA ALA E 72 21.76 -1.47 -18.69
C ALA E 72 20.90 -1.59 -19.94
N PRO E 73 19.86 -0.76 -20.06
CA PRO E 73 19.03 -0.87 -21.26
C PRO E 73 19.63 -0.28 -22.55
N PRO E 74 20.69 0.59 -22.45
CA PRO E 74 21.30 1.18 -23.65
C PRO E 74 22.25 0.20 -24.33
N ASP E 75 22.59 -0.86 -23.61
CA ASP E 75 23.49 -1.90 -24.10
C ASP E 75 22.75 -2.90 -25.02
N PHE E 76 21.43 -2.76 -25.12
CA PHE E 76 20.63 -3.64 -25.96
C PHE E 76 19.72 -2.90 -26.93
N ASN E 77 19.62 -3.45 -28.13
CA ASN E 77 18.82 -2.85 -29.20
C ASN E 77 17.34 -2.60 -28.90
N THR E 78 16.66 -3.59 -28.35
CA THR E 78 15.24 -3.43 -28.03
C THR E 78 14.73 -4.47 -27.05
N ASP E 79 13.46 -4.32 -26.70
CA ASP E 79 12.80 -5.22 -25.76
C ASP E 79 13.71 -5.73 -24.64
N PRO E 80 14.33 -4.81 -23.86
CA PRO E 80 15.19 -5.34 -22.79
C PRO E 80 14.50 -6.18 -21.67
N GLY E 81 13.18 -6.03 -21.48
CA GLY E 81 12.49 -6.81 -20.45
C GLY E 81 11.14 -7.44 -20.81
N LYS E 82 10.84 -8.59 -20.19
CA LYS E 82 9.58 -9.26 -20.45
C LYS E 82 8.68 -9.27 -19.22
N GLY E 83 9.12 -8.58 -18.16
CA GLY E 83 8.34 -8.52 -16.95
C GLY E 83 9.17 -8.70 -15.70
N ILE E 84 8.48 -8.58 -14.57
CA ILE E 84 9.08 -8.73 -13.25
C ILE E 84 8.87 -10.15 -12.72
N PRO E 85 9.99 -10.85 -12.56
CA PRO E 85 10.02 -12.21 -12.08
C PRO E 85 9.78 -12.24 -10.57
N ASP E 86 8.62 -11.75 -10.16
CA ASP E 86 8.24 -11.71 -8.77
C ASP E 86 7.02 -12.60 -8.66
N ARG E 87 6.48 -12.71 -7.45
CA ARG E 87 5.34 -13.59 -7.19
C ARG E 87 4.17 -13.39 -8.13
N PHE E 88 3.89 -12.14 -8.45
CA PHE E 88 2.79 -11.81 -9.32
C PHE E 88 2.95 -12.33 -10.76
N GLU E 89 1.87 -12.94 -11.26
CA GLU E 89 1.85 -13.49 -12.60
C GLU E 89 0.58 -13.17 -13.38
N GLY E 90 -0.11 -12.10 -12.98
CA GLY E 90 -1.33 -11.72 -13.68
C GLY E 90 -0.98 -11.01 -14.97
N LYS E 91 -1.97 -10.79 -15.84
CA LYS E 91 -1.73 -10.12 -17.12
C LYS E 91 -1.27 -8.65 -16.97
N VAL E 92 -0.17 -8.31 -17.63
CA VAL E 92 0.41 -6.96 -17.57
C VAL E 92 0.93 -6.57 -18.95
N VAL E 93 1.50 -5.38 -19.06
CA VAL E 93 2.07 -4.96 -20.33
C VAL E 93 3.43 -4.33 -20.08
N SER E 94 4.44 -4.84 -20.78
CA SER E 94 5.80 -4.33 -20.60
C SER E 94 6.03 -3.07 -21.43
N ARG E 95 6.15 -1.95 -20.75
CA ARG E 95 6.36 -0.67 -21.41
C ARG E 95 7.82 -0.27 -21.30
N LYS E 96 8.50 -0.15 -22.45
CA LYS E 96 9.90 0.28 -22.48
C LYS E 96 9.89 1.74 -22.91
N ASP E 97 9.78 2.66 -21.94
CA ASP E 97 9.74 4.08 -22.23
C ASP E 97 11.15 4.58 -22.53
N VAL E 98 11.27 5.31 -23.65
CA VAL E 98 12.55 5.88 -24.07
C VAL E 98 12.41 7.24 -24.70
N LEU E 99 13.20 8.17 -24.19
CA LEU E 99 13.20 9.54 -24.63
C LEU E 99 14.55 9.94 -25.19
N ASN E 100 14.52 10.72 -26.25
CA ASN E 100 15.75 11.21 -26.84
C ASN E 100 15.56 12.71 -26.96
N GLN E 101 16.03 13.45 -25.96
CA GLN E 101 15.86 14.91 -25.97
C GLN E 101 17.15 15.70 -26.08
N SER E 102 17.27 16.49 -27.15
CA SER E 102 18.44 17.34 -27.37
C SER E 102 18.20 18.55 -26.49
N ILE E 103 19.23 18.89 -25.73
CA ILE E 103 19.09 19.99 -24.82
C ILE E 103 20.34 20.89 -24.78
N SER E 104 20.09 22.19 -24.70
CA SER E 104 21.12 23.22 -24.63
C SER E 104 20.92 23.86 -23.23
N PHE E 105 21.99 24.03 -22.46
CA PHE E 105 21.91 24.61 -21.11
C PHE E 105 22.32 26.05 -21.12
N THR E 106 21.42 26.89 -20.60
CA THR E 106 21.66 28.32 -20.56
C THR E 106 22.84 28.64 -19.64
N ALA E 107 23.75 29.47 -20.14
CA ALA E 107 24.95 29.87 -19.39
C ALA E 107 24.56 30.68 -18.15
N GLY E 108 25.37 30.60 -17.10
CA GLY E 108 25.09 31.34 -15.87
C GLY E 108 23.95 30.72 -15.07
N GLN E 109 23.35 29.67 -15.62
CA GLN E 109 22.24 29.00 -14.97
C GLN E 109 22.62 27.61 -14.54
N ASP E 110 22.13 27.25 -13.37
CA ASP E 110 22.35 25.94 -12.81
C ASP E 110 21.03 25.24 -13.09
N THR E 111 20.98 24.46 -14.16
CA THR E 111 19.76 23.75 -14.54
C THR E 111 19.54 22.49 -13.69
N PHE E 112 18.31 22.31 -13.20
CA PHE E 112 17.98 21.15 -12.37
C PHE E 112 17.02 20.22 -13.09
N ILE E 113 17.40 18.95 -13.14
CA ILE E 113 16.57 17.95 -13.80
C ILE E 113 16.23 16.83 -12.84
N LEU E 114 14.96 16.44 -12.85
CA LEU E 114 14.52 15.31 -12.08
C LEU E 114 14.06 14.26 -13.04
N ILE E 115 14.58 13.05 -12.86
CA ILE E 115 13.85 11.89 -13.28
C ILE E 115 13.26 11.28 -12.03
N ALA E 116 11.94 11.28 -11.96
CA ALA E 116 11.23 10.63 -10.88
C ALA E 116 9.95 10.06 -11.43
N PRO E 117 9.40 9.08 -10.75
CA PRO E 117 8.64 8.05 -11.44
C PRO E 117 7.25 8.56 -11.67
N THR E 118 7.12 9.52 -12.56
CA THR E 118 5.82 9.85 -13.10
C THR E 118 5.70 9.17 -14.43
N PRO E 119 4.77 8.24 -14.50
CA PRO E 119 4.44 7.55 -15.75
C PRO E 119 4.30 8.53 -16.91
N GLY E 120 4.73 8.09 -18.10
CA GLY E 120 4.62 8.91 -19.29
C GLY E 120 5.54 10.11 -19.37
N VAL E 121 5.85 10.71 -18.22
CA VAL E 121 6.73 11.88 -18.19
C VAL E 121 8.12 11.48 -17.78
N ALA E 122 9.05 11.68 -18.70
CA ALA E 122 10.43 11.33 -18.44
C ALA E 122 11.00 12.11 -17.25
N TYR E 123 11.20 13.39 -17.49
CA TYR E 123 11.77 14.24 -16.47
C TYR E 123 11.12 15.59 -16.35
N TRP E 124 11.58 16.32 -15.33
CA TRP E 124 11.10 17.66 -15.01
C TRP E 124 12.29 18.56 -14.79
N SER E 125 12.27 19.76 -15.35
CA SER E 125 13.40 20.66 -15.19
C SER E 125 13.03 22.10 -14.97
N ALA E 126 14.05 22.89 -14.62
CA ALA E 126 13.90 24.32 -14.39
C ALA E 126 15.29 24.86 -14.08
N SER E 127 15.61 26.08 -14.52
CA SER E 127 16.92 26.62 -14.21
C SER E 127 16.85 27.67 -13.11
N VAL E 128 17.97 27.83 -12.43
CA VAL E 128 18.12 28.76 -11.33
C VAL E 128 19.51 29.37 -11.42
N PRO E 129 19.61 30.65 -11.09
CA PRO E 129 20.88 31.41 -11.12
C PRO E 129 22.02 30.58 -10.60
N ALA E 130 23.12 30.57 -11.34
CA ALA E 130 24.29 29.77 -10.97
C ALA E 130 24.61 29.82 -9.47
N GLY E 131 24.95 28.66 -8.90
CA GLY E 131 25.29 28.58 -7.49
C GLY E 131 24.11 28.54 -6.54
N THR E 132 22.90 28.65 -7.08
CA THR E 132 21.71 28.62 -6.24
C THR E 132 20.87 27.39 -6.53
N PHE E 133 19.91 27.15 -5.64
CA PHE E 133 19.01 26.02 -5.75
C PHE E 133 17.58 26.48 -5.96
N PRO E 134 16.65 25.53 -6.16
CA PRO E 134 15.25 25.87 -6.37
C PRO E 134 14.72 26.55 -5.15
N THR E 135 13.80 27.49 -5.36
CA THR E 135 13.20 28.24 -4.28
C THR E 135 11.69 28.08 -4.40
N SER E 136 10.95 28.70 -3.50
CA SER E 136 9.49 28.63 -3.51
C SER E 136 8.99 29.18 -4.85
N ALA E 137 9.82 30.06 -5.42
CA ALA E 137 9.55 30.73 -6.68
C ALA E 137 9.84 29.87 -7.90
N THR E 138 10.24 28.62 -7.69
CA THR E 138 10.56 27.75 -8.80
C THR E 138 9.45 26.77 -9.14
N THR E 139 9.28 26.55 -10.44
CA THR E 139 8.28 25.62 -10.94
C THR E 139 8.93 24.74 -11.99
N PHE E 140 8.74 23.44 -11.86
CA PHE E 140 9.28 22.49 -12.79
C PHE E 140 8.28 22.06 -13.84
N ASN E 141 8.73 21.97 -15.08
CA ASN E 141 7.85 21.55 -16.17
C ASN E 141 8.27 20.25 -16.84
N PRO E 142 7.31 19.36 -17.01
CA PRO E 142 7.55 18.01 -17.49
C PRO E 142 8.00 17.99 -18.95
N VAL E 143 8.84 17.03 -19.31
CA VAL E 143 8.96 16.59 -20.69
C VAL E 143 8.60 15.12 -20.84
N ASN E 144 7.75 14.79 -21.80
CA ASN E 144 7.20 13.44 -21.86
C ASN E 144 7.72 12.43 -22.85
N TYR E 145 7.66 11.18 -22.45
CA TYR E 145 8.10 10.11 -23.30
C TYR E 145 7.13 10.10 -24.46
N PRO E 146 7.60 9.80 -25.64
CA PRO E 146 6.75 9.76 -26.83
C PRO E 146 5.43 9.02 -26.56
N GLY E 147 4.31 9.60 -27.03
CA GLY E 147 3.00 8.99 -26.88
C GLY E 147 2.31 9.06 -25.54
N PHE E 148 2.51 10.15 -24.81
CA PHE E 148 1.88 10.29 -23.50
C PHE E 148 0.35 10.25 -23.64
N THR E 149 -0.16 11.16 -24.43
CA THR E 149 -1.60 11.27 -24.67
C THR E 149 -2.17 9.99 -25.23
N SER E 150 -1.37 9.28 -26.03
CA SER E 150 -1.82 8.05 -26.65
C SER E 150 -2.13 6.97 -25.63
N MET E 151 -1.88 7.28 -24.37
CA MET E 151 -2.15 6.34 -23.30
C MET E 151 -2.99 6.86 -22.15
N PHE E 152 -2.82 8.14 -21.88
CA PHE E 152 -3.52 8.74 -20.77
C PHE E 152 -4.56 9.76 -21.15
N GLY E 153 -4.93 9.77 -22.42
CA GLY E 153 -5.91 10.73 -22.87
C GLY E 153 -5.45 12.18 -22.90
N THR E 154 -6.44 13.06 -22.98
CA THR E 154 -6.19 14.49 -23.06
C THR E 154 -6.93 15.34 -22.02
N THR E 155 -7.45 14.68 -20.99
CA THR E 155 -8.16 15.39 -19.93
C THR E 155 -7.71 14.77 -18.63
N SER E 156 -7.60 15.59 -17.60
CA SER E 156 -7.18 15.10 -16.30
C SER E 156 -8.05 13.97 -15.74
N THR E 157 -9.19 13.66 -16.37
CA THR E 157 -10.07 12.59 -15.87
C THR E 157 -10.25 11.42 -16.87
N SER E 158 -9.20 11.12 -17.61
CA SER E 158 -9.25 10.04 -18.57
C SER E 158 -7.92 9.31 -18.58
N ARG E 159 -7.21 9.38 -17.46
CA ARG E 159 -5.92 8.73 -17.31
C ARG E 159 -6.11 7.19 -17.13
N SER E 160 -7.11 6.81 -16.35
CA SER E 160 -7.40 5.42 -16.08
C SER E 160 -8.22 4.74 -17.19
N ASP E 161 -8.21 5.31 -18.39
CA ASP E 161 -9.00 4.75 -19.46
C ASP E 161 -8.36 3.51 -20.08
N GLN E 162 -7.06 3.62 -20.32
CA GLN E 162 -6.28 2.54 -20.92
C GLN E 162 -5.79 1.49 -19.90
N VAL E 163 -5.22 1.99 -18.79
CA VAL E 163 -4.69 1.15 -17.72
C VAL E 163 -5.26 1.56 -16.38
N SER E 164 -5.15 0.66 -15.41
CA SER E 164 -5.64 0.94 -14.08
C SER E 164 -4.55 1.13 -13.02
N SER E 165 -3.44 0.39 -13.12
CA SER E 165 -2.36 0.58 -12.16
C SER E 165 -0.99 0.27 -12.77
N PHE E 166 0.05 0.37 -11.98
CA PHE E 166 1.39 0.14 -12.50
C PHE E 166 2.45 -0.11 -11.43
N ARG E 167 3.67 -0.33 -11.92
CA ARG E 167 4.81 -0.54 -11.07
C ARG E 167 6.06 -0.50 -11.94
N TYR E 168 6.95 0.41 -11.59
CA TYR E 168 8.20 0.62 -12.29
C TYR E 168 9.13 -0.52 -11.96
N ALA E 169 10.01 -0.83 -12.91
CA ALA E 169 11.04 -1.86 -12.69
C ALA E 169 12.40 -1.16 -12.76
N SER E 170 12.56 -0.33 -13.78
CA SER E 170 13.79 0.40 -13.99
C SER E 170 13.51 1.85 -14.27
N MET E 171 14.57 2.63 -14.20
CA MET E 171 14.48 4.05 -14.46
C MET E 171 15.91 4.52 -14.65
N ASN E 172 16.37 4.57 -15.90
CA ASN E 172 17.73 4.99 -16.21
C ASN E 172 17.75 6.30 -16.98
N VAL E 173 18.91 6.92 -16.97
CA VAL E 173 19.08 8.18 -17.67
C VAL E 173 20.54 8.45 -17.98
N GLY E 174 20.78 9.01 -19.16
CA GLY E 174 22.13 9.31 -19.57
C GLY E 174 22.23 10.67 -20.23
N ILE E 175 23.38 11.29 -20.11
CA ILE E 175 23.55 12.59 -20.71
C ILE E 175 24.81 12.54 -21.54
N TYR E 176 24.68 12.86 -22.80
CA TYR E 176 25.84 12.83 -23.65
C TYR E 176 26.11 14.23 -24.15
N PRO E 177 27.31 14.69 -23.89
CA PRO E 177 27.73 16.02 -24.30
C PRO E 177 27.87 16.15 -25.79
N THR E 178 27.41 17.25 -26.35
CA THR E 178 27.51 17.46 -27.78
C THR E 178 28.29 18.71 -28.09
N SER E 179 28.74 19.41 -27.05
CA SER E 179 29.50 20.66 -27.27
C SER E 179 30.98 20.37 -27.52
N ASN E 180 31.69 21.36 -28.06
CA ASN E 180 33.11 21.18 -28.36
C ASN E 180 33.92 21.37 -27.10
N LEU E 181 35.21 21.05 -27.20
CA LEU E 181 36.09 21.12 -26.04
C LEU E 181 36.69 22.48 -25.75
N MET E 182 36.28 23.48 -26.50
CA MET E 182 36.82 24.81 -26.32
C MET E 182 35.81 25.72 -25.64
N GLN E 183 34.54 25.41 -25.83
CA GLN E 183 33.45 26.21 -25.31
C GLN E 183 32.87 25.71 -24.00
N PHE E 184 32.76 24.39 -23.87
CA PHE E 184 32.19 23.79 -22.66
C PHE E 184 32.87 24.29 -21.37
N ALA E 185 32.21 24.05 -20.24
CA ALA E 185 32.70 24.41 -18.92
C ALA E 185 31.59 23.96 -17.99
N GLY E 186 31.88 23.86 -16.70
CA GLY E 186 30.82 23.46 -15.82
C GLY E 186 30.92 22.03 -15.34
N SER E 187 29.91 21.63 -14.58
CA SER E 187 29.87 20.31 -13.96
C SER E 187 28.50 19.69 -13.93
N ILE E 188 28.49 18.39 -13.67
CA ILE E 188 27.26 17.63 -13.54
C ILE E 188 27.31 16.95 -12.19
N THR E 189 26.42 17.37 -11.32
CA THR E 189 26.34 16.81 -9.99
C THR E 189 25.08 15.96 -9.89
N VAL E 190 25.20 14.82 -9.20
CA VAL E 190 24.06 13.92 -9.08
C VAL E 190 23.91 13.20 -7.75
N TRP E 191 22.67 13.16 -7.28
CA TRP E 191 22.33 12.47 -6.04
C TRP E 191 20.88 12.00 -6.18
N LYS E 192 20.43 11.12 -5.31
CA LYS E 192 19.07 10.63 -5.45
C LYS E 192 18.25 10.90 -4.19
N CYS E 193 17.00 11.33 -4.36
CA CYS E 193 16.12 11.64 -3.23
C CYS E 193 14.98 10.67 -3.05
N PRO E 194 14.68 10.30 -1.79
CA PRO E 194 13.61 9.37 -1.42
C PRO E 194 12.24 10.03 -1.48
N VAL E 195 11.89 10.57 -2.64
CA VAL E 195 10.61 11.24 -2.74
C VAL E 195 9.44 10.32 -2.85
N LYS E 196 8.50 10.59 -1.93
CA LYS E 196 7.26 9.85 -1.81
C LYS E 196 6.09 10.85 -1.97
N LEU E 197 4.93 10.32 -2.30
CA LEU E 197 3.78 11.18 -2.46
C LEU E 197 2.79 10.94 -1.32
N SER E 198 2.68 11.95 -0.46
CA SER E 198 1.80 11.84 0.68
C SER E 198 0.64 12.81 0.59
N THR E 199 0.27 13.34 1.76
CA THR E 199 -0.82 14.28 1.88
C THR E 199 -0.74 15.21 3.08
N VAL E 200 -1.35 16.36 2.87
CA VAL E 200 -1.41 17.42 3.85
C VAL E 200 -2.85 17.69 4.24
N GLN E 201 -3.09 17.81 5.55
CA GLN E 201 -4.42 18.09 6.08
C GLN E 201 -4.45 19.47 6.74
N PHE E 202 -5.38 20.29 6.30
CA PHE E 202 -5.50 21.61 6.87
C PHE E 202 -6.94 22.07 6.79
N PRO E 203 -7.33 22.98 7.68
CA PRO E 203 -8.72 23.46 7.67
C PRO E 203 -8.89 24.67 6.74
N VAL E 204 -10.12 24.91 6.26
CA VAL E 204 -10.43 26.07 5.40
C VAL E 204 -11.67 26.78 5.95
N ALA E 205 -11.59 28.11 6.00
CA ALA E 205 -12.69 28.92 6.51
C ALA E 205 -13.76 29.20 5.47
N THR E 206 -14.51 28.16 5.13
CA THR E 206 -15.57 28.29 4.15
C THR E 206 -16.83 28.22 4.97
N ASP E 207 -17.98 28.21 4.30
CA ASP E 207 -19.24 28.10 5.02
C ASP E 207 -20.09 26.93 4.52
N PRO E 208 -20.25 25.89 5.36
CA PRO E 208 -19.66 25.80 6.71
C PRO E 208 -18.13 25.61 6.67
N ALA E 209 -17.45 25.87 7.78
CA ALA E 209 -16.00 25.71 7.81
C ALA E 209 -15.68 24.22 7.65
N THR E 210 -14.66 23.90 6.87
CA THR E 210 -14.30 22.50 6.62
C THR E 210 -12.80 22.21 6.64
N SER E 211 -12.44 20.92 6.54
CA SER E 211 -11.02 20.52 6.50
C SER E 211 -10.73 19.91 5.13
N SER E 212 -9.63 20.36 4.54
CA SER E 212 -9.24 19.84 3.25
C SER E 212 -8.13 18.82 3.39
N LEU E 213 -7.89 18.15 2.28
CA LEU E 213 -6.88 17.14 2.20
C LEU E 213 -6.51 17.00 0.75
N VAL E 214 -5.22 17.17 0.46
CA VAL E 214 -4.72 17.02 -0.90
C VAL E 214 -3.33 16.42 -0.90
N HIS E 215 -2.93 16.02 -2.11
CA HIS E 215 -1.65 15.43 -2.35
C HIS E 215 -0.52 16.44 -2.10
N THR E 216 0.53 15.98 -1.44
CA THR E 216 1.68 16.83 -1.17
C THR E 216 2.91 15.94 -1.27
N LEU E 217 3.98 16.50 -1.80
CA LEU E 217 5.20 15.73 -1.91
C LEU E 217 6.15 15.95 -0.77
N VAL E 218 6.49 14.84 -0.16
CA VAL E 218 7.39 14.83 0.97
C VAL E 218 8.81 14.48 0.49
N GLY E 219 9.82 15.16 1.04
CA GLY E 219 11.19 14.84 0.68
C GLY E 219 11.79 15.64 -0.45
N LEU E 220 11.05 16.64 -0.93
CA LEU E 220 11.52 17.51 -2.01
C LEU E 220 12.65 18.38 -1.51
N ASP E 221 12.65 18.54 -0.21
CA ASP E 221 13.61 19.38 0.45
C ASP E 221 15.03 18.87 0.17
N GLY E 222 15.14 17.60 -0.23
CA GLY E 222 16.44 17.04 -0.53
C GLY E 222 17.06 17.59 -1.80
N VAL E 223 16.27 18.33 -2.58
CA VAL E 223 16.74 18.90 -3.84
C VAL E 223 17.44 20.24 -3.67
N LEU E 224 17.24 20.84 -2.50
CA LEU E 224 17.82 22.14 -2.26
C LEU E 224 19.25 22.09 -1.76
N ALA E 225 19.86 20.91 -1.87
CA ALA E 225 21.23 20.73 -1.44
C ALA E 225 21.84 19.48 -2.05
N VAL E 226 23.12 19.54 -2.36
CA VAL E 226 23.83 18.40 -2.95
C VAL E 226 24.03 17.25 -1.92
N GLY E 227 23.30 16.16 -2.12
CA GLY E 227 23.39 15.01 -1.23
C GLY E 227 24.82 14.56 -1.03
N PRO E 228 25.20 14.18 0.20
CA PRO E 228 26.56 13.73 0.51
C PRO E 228 27.01 12.60 -0.42
N ASP E 229 26.10 11.65 -0.67
CA ASP E 229 26.37 10.53 -1.56
C ASP E 229 25.96 11.03 -2.94
N ASN E 230 26.97 11.37 -3.72
CA ASN E 230 26.73 11.93 -5.03
C ASN E 230 27.91 11.76 -5.99
N PHE E 231 27.60 11.96 -7.27
CA PHE E 231 28.57 11.89 -8.33
C PHE E 231 28.70 13.32 -8.82
N SER E 232 29.93 13.81 -8.96
CA SER E 232 30.11 15.15 -9.46
C SER E 232 31.35 15.13 -10.31
N GLU E 233 31.25 15.66 -11.52
CA GLU E 233 32.37 15.68 -12.44
C GLU E 233 32.12 16.66 -13.59
N SER E 234 33.20 17.03 -14.31
CA SER E 234 33.13 17.94 -15.44
C SER E 234 31.97 17.63 -16.35
N PHE E 235 31.38 18.69 -16.88
CA PHE E 235 30.24 18.56 -17.75
C PHE E 235 30.60 17.69 -18.93
N ILE E 236 31.69 18.01 -19.61
CA ILE E 236 32.05 17.26 -20.81
C ILE E 236 32.06 15.74 -20.66
N LYS E 237 32.32 15.23 -19.45
CA LYS E 237 32.38 13.79 -19.23
C LYS E 237 31.02 13.10 -19.19
N GLY E 238 29.95 13.89 -19.30
CA GLY E 238 28.59 13.34 -19.30
C GLY E 238 28.28 12.56 -18.05
N VAL E 239 27.26 11.70 -18.13
CA VAL E 239 26.87 10.88 -17.00
C VAL E 239 25.74 9.90 -17.29
N PHE E 240 25.74 8.81 -16.51
CA PHE E 240 24.72 7.79 -16.61
C PHE E 240 24.39 7.35 -15.18
N SER E 241 23.11 7.22 -14.88
CA SER E 241 22.67 6.78 -13.56
C SER E 241 21.25 6.22 -13.63
N GLN E 242 20.91 5.35 -12.70
CA GLN E 242 19.59 4.78 -12.69
C GLN E 242 19.07 4.63 -11.27
N SER E 243 17.76 4.49 -11.17
CA SER E 243 17.09 4.36 -9.88
C SER E 243 16.50 2.97 -9.74
N ALA E 244 16.22 2.60 -8.49
CA ALA E 244 15.61 1.30 -8.16
C ALA E 244 14.48 1.39 -7.16
N CYS E 245 13.75 0.29 -7.08
CA CYS E 245 12.61 0.19 -6.19
C CYS E 245 12.97 0.51 -4.73
N ASN E 246 12.33 1.52 -4.16
CA ASN E 246 12.63 1.87 -2.78
C ASN E 246 11.68 1.20 -1.80
N GLU E 247 11.35 -0.06 -2.09
CA GLU E 247 10.46 -0.86 -1.26
C GLU E 247 10.95 -2.31 -1.20
N PRO E 248 10.60 -3.06 -0.13
CA PRO E 248 11.02 -4.46 0.00
C PRO E 248 10.35 -5.37 -1.05
N ASP E 249 9.51 -4.77 -1.89
CA ASP E 249 8.83 -5.52 -2.95
C ASP E 249 8.15 -4.61 -3.96
N PHE E 250 7.74 -5.23 -5.05
CA PHE E 250 7.09 -4.54 -6.15
C PHE E 250 5.60 -4.44 -6.01
N GLU E 251 5.15 -3.41 -5.30
CA GLU E 251 3.74 -3.20 -5.06
C GLU E 251 3.16 -2.45 -6.26
N PHE E 252 1.86 -2.62 -6.49
CA PHE E 252 1.19 -1.93 -7.58
C PHE E 252 0.63 -0.63 -7.07
N ASN E 253 0.72 0.42 -7.90
CA ASN E 253 0.17 1.71 -7.52
C ASN E 253 -0.92 2.05 -8.50
N ASP E 254 -1.95 2.73 -8.01
CA ASP E 254 -3.08 3.08 -8.84
C ASP E 254 -2.75 4.28 -9.71
N ILE E 255 -3.54 4.46 -10.76
CA ILE E 255 -3.39 5.58 -11.68
C ILE E 255 -4.13 6.71 -10.98
N LEU E 256 -3.60 7.92 -11.08
CA LEU E 256 -4.21 9.07 -10.43
C LEU E 256 -4.92 10.01 -11.38
N GLU E 257 -6.18 10.31 -11.08
CA GLU E 257 -6.92 11.18 -11.95
C GLU E 257 -6.93 12.62 -11.47
N GLY E 258 -7.03 13.51 -12.44
CA GLY E 258 -7.13 14.94 -12.20
C GLY E 258 -5.96 15.73 -11.69
N ILE E 259 -4.77 15.14 -11.64
CA ILE E 259 -3.64 15.89 -11.13
C ILE E 259 -2.88 16.57 -12.25
N GLN E 260 -2.81 17.90 -12.20
CA GLN E 260 -2.13 18.67 -13.24
C GLN E 260 -1.09 19.57 -12.60
N THR E 261 -1.28 19.87 -11.32
CA THR E 261 -0.34 20.73 -10.62
C THR E 261 -0.22 20.37 -9.16
N LEU E 262 0.98 20.55 -8.63
CA LEU E 262 1.27 20.31 -7.22
C LEU E 262 2.19 21.39 -6.65
N PRO E 263 1.67 22.18 -5.70
CA PRO E 263 0.31 22.10 -5.15
C PRO E 263 -0.82 22.32 -6.17
N PRO E 264 -1.98 21.72 -5.90
CA PRO E 264 -3.18 21.78 -6.74
C PRO E 264 -3.64 23.20 -7.03
N ALA E 265 -4.67 23.29 -7.87
CA ALA E 265 -5.22 24.58 -8.19
C ALA E 265 -6.02 24.92 -6.94
N ASN E 266 -5.94 26.19 -6.51
CA ASN E 266 -6.65 26.68 -5.33
C ASN E 266 -5.95 26.34 -4.03
N VAL E 267 -4.76 25.77 -4.15
CA VAL E 267 -3.96 25.44 -2.98
C VAL E 267 -2.68 26.26 -3.01
N SER E 268 -2.42 26.88 -1.87
CA SER E 268 -1.26 27.73 -1.67
C SER E 268 -0.03 26.97 -1.33
N LEU E 269 1.07 27.24 -2.01
CA LEU E 269 2.25 26.45 -1.75
C LEU E 269 2.61 26.66 -0.30
N GLY E 270 3.01 25.58 0.36
CA GLY E 270 3.66 25.69 1.64
C GLY E 270 2.60 26.02 2.66
N SER E 271 1.35 25.93 2.22
CA SER E 271 0.39 25.05 2.85
C SER E 271 0.80 23.60 2.72
N THR E 272 1.31 23.22 1.55
CA THR E 272 1.82 21.88 1.32
C THR E 272 3.03 21.55 2.17
N GLY E 273 3.92 22.52 2.32
CA GLY E 273 5.21 22.25 2.94
C GLY E 273 6.18 21.65 1.92
N GLN E 274 5.71 21.58 0.69
CA GLN E 274 6.59 21.45 -0.47
C GLN E 274 7.43 22.69 -0.61
N PRO E 275 8.67 22.53 -1.03
CA PRO E 275 9.57 23.68 -1.19
C PRO E 275 9.44 24.43 -2.53
N PHE E 276 8.84 23.78 -3.54
CA PHE E 276 8.60 24.43 -4.84
C PHE E 276 7.41 23.82 -5.53
N THR E 277 7.16 24.28 -6.76
CA THR E 277 5.99 23.79 -7.49
C THR E 277 6.23 22.95 -8.73
N MET E 278 5.27 22.04 -8.95
CA MET E 278 5.26 21.09 -10.07
C MET E 278 4.08 21.38 -10.96
N ASP E 279 4.36 21.77 -12.19
CA ASP E 279 3.29 22.07 -13.10
C ASP E 279 3.42 21.30 -14.40
N SER E 280 2.52 20.34 -14.60
CA SER E 280 2.51 19.50 -15.81
C SER E 280 1.98 20.28 -17.02
N GLY E 281 1.18 21.30 -16.73
CA GLY E 281 0.64 22.13 -17.79
C GLY E 281 -0.78 21.79 -18.18
N ALA E 282 -1.04 21.94 -19.47
CA ALA E 282 -2.36 21.68 -20.02
C ALA E 282 -2.66 20.21 -19.86
N GLU E 283 -3.86 19.93 -19.41
CA GLU E 283 -4.28 18.55 -19.23
C GLU E 283 -4.27 17.81 -20.54
N ALA E 284 -4.34 18.54 -21.64
CA ALA E 284 -4.38 17.92 -22.95
C ALA E 284 -3.02 17.54 -23.55
N THR E 285 -1.95 17.90 -22.85
CA THR E 285 -0.60 17.61 -23.32
C THR E 285 0.22 16.74 -22.34
N SER E 286 0.06 17.02 -21.05
CA SER E 286 0.78 16.29 -20.03
C SER E 286 -0.02 16.19 -18.73
N GLY E 287 0.61 15.64 -17.69
CA GLY E 287 -0.06 15.52 -16.41
C GLY E 287 0.56 14.45 -15.53
N VAL E 288 0.13 14.46 -14.28
CA VAL E 288 0.61 13.50 -13.32
C VAL E 288 -0.38 12.36 -13.08
N VAL E 289 -0.02 11.21 -13.65
CA VAL E 289 -0.86 10.04 -13.60
C VAL E 289 -0.55 9.06 -12.49
N GLY E 290 0.56 9.27 -11.81
CA GLY E 290 0.94 8.38 -10.73
C GLY E 290 2.34 8.62 -10.19
N TRP E 291 2.67 7.88 -9.15
CA TRP E 291 3.98 7.99 -8.53
C TRP E 291 4.46 6.59 -8.12
N GLY E 292 5.58 6.19 -8.72
CA GLY E 292 6.12 4.88 -8.43
C GLY E 292 6.99 4.84 -7.19
N ASN E 293 7.26 3.63 -6.70
CA ASN E 293 8.08 3.43 -5.51
C ASN E 293 9.58 3.42 -5.87
N MET E 294 10.03 4.49 -6.53
CA MET E 294 11.42 4.65 -6.93
C MET E 294 11.91 6.00 -6.39
N ASP E 295 13.18 6.04 -6.02
CA ASP E 295 13.74 7.29 -5.54
C ASP E 295 13.91 8.15 -6.77
N THR E 296 13.90 9.45 -6.57
CA THR E 296 14.03 10.32 -7.71
C THR E 296 15.44 10.79 -7.95
N ILE E 297 15.84 10.77 -9.22
CA ILE E 297 17.19 11.18 -9.58
C ILE E 297 17.28 12.67 -9.80
N VAL E 298 18.20 13.28 -9.07
CA VAL E 298 18.43 14.71 -9.14
C VAL E 298 19.72 14.98 -9.86
N ILE E 299 19.65 15.90 -10.79
CA ILE E 299 20.80 16.25 -11.59
C ILE E 299 21.00 17.75 -11.68
N ARG E 300 22.20 18.20 -11.37
CA ARG E 300 22.50 19.61 -11.43
C ARG E 300 23.63 19.90 -12.40
N VAL E 301 23.26 20.50 -13.53
CA VAL E 301 24.22 20.87 -14.53
C VAL E 301 24.49 22.37 -14.41
N SER E 302 25.64 22.72 -13.82
CA SER E 302 26.00 24.13 -13.63
C SER E 302 26.81 24.66 -14.79
N ALA E 303 26.16 25.47 -15.63
CA ALA E 303 26.77 26.09 -16.79
C ALA E 303 27.26 27.48 -16.42
N PRO E 304 28.59 27.69 -16.39
CA PRO E 304 29.17 28.99 -16.04
C PRO E 304 28.88 29.97 -17.16
N GLU E 305 29.22 31.23 -16.92
CA GLU E 305 28.99 32.28 -17.89
C GLU E 305 29.77 32.03 -19.17
N GLY E 306 29.14 32.27 -20.33
CA GLY E 306 29.81 32.09 -21.61
C GLY E 306 30.18 30.66 -21.99
N ALA E 307 29.59 29.70 -21.28
CA ALA E 307 29.83 28.30 -21.57
C ALA E 307 28.82 27.79 -22.58
N VAL E 308 29.31 27.02 -23.56
CA VAL E 308 28.47 26.42 -24.59
C VAL E 308 28.32 24.94 -24.25
N ASN E 309 27.34 24.63 -23.40
CA ASN E 309 27.08 23.26 -22.98
C ASN E 309 25.81 22.72 -23.61
N SER E 310 25.92 21.71 -24.46
CA SER E 310 24.74 21.12 -25.06
C SER E 310 24.96 19.63 -24.96
N ALA E 311 23.88 18.87 -25.10
CA ALA E 311 23.98 17.42 -25.02
C ALA E 311 22.70 16.74 -25.49
N ILE E 312 22.75 15.41 -25.48
CA ILE E 312 21.63 14.57 -25.85
C ILE E 312 21.30 13.78 -24.60
N LEU E 313 20.05 13.82 -24.23
CA LEU E 313 19.65 13.10 -23.05
C LEU E 313 18.78 11.92 -23.44
N LYS E 314 19.03 10.79 -22.78
CA LYS E 314 18.27 9.59 -23.01
C LYS E 314 17.62 9.11 -21.70
N ALA E 315 16.43 8.55 -21.82
CA ALA E 315 15.71 8.07 -20.64
C ALA E 315 15.11 6.69 -20.86
N TRP E 316 15.26 5.80 -19.88
CA TRP E 316 14.72 4.44 -19.95
C TRP E 316 13.78 4.18 -18.80
N SER E 317 12.70 3.44 -19.05
CA SER E 317 11.76 3.13 -17.98
C SER E 317 10.97 1.87 -18.26
N CYS E 318 11.27 0.81 -17.54
CA CYS E 318 10.54 -0.45 -17.69
C CYS E 318 9.37 -0.37 -16.69
N ILE E 319 8.14 -0.43 -17.19
CA ILE E 319 6.96 -0.37 -16.32
C ILE E 319 5.94 -1.44 -16.69
N GLU E 320 5.37 -2.09 -15.68
CA GLU E 320 4.36 -3.11 -15.89
C GLU E 320 3.02 -2.47 -15.57
N TYR E 321 2.13 -2.39 -16.57
CA TYR E 321 0.81 -1.81 -16.32
C TYR E 321 -0.24 -2.87 -16.37
N ARG E 322 -1.34 -2.61 -15.69
CA ARG E 322 -2.46 -3.53 -15.69
C ARG E 322 -3.43 -2.97 -16.72
N PRO E 323 -3.54 -3.61 -17.89
CA PRO E 323 -4.42 -3.17 -18.98
C PRO E 323 -5.91 -3.43 -18.76
N ASN E 324 -6.73 -2.56 -19.31
CA ASN E 324 -8.16 -2.69 -19.23
C ASN E 324 -8.58 -3.39 -20.50
N PRO E 325 -9.50 -4.35 -20.42
CA PRO E 325 -10.01 -5.12 -21.57
C PRO E 325 -10.57 -4.27 -22.73
N ASN E 326 -11.08 -3.09 -22.38
CA ASN E 326 -11.66 -2.17 -23.36
C ASN E 326 -10.56 -1.40 -24.12
N ALA E 327 -9.31 -1.58 -23.71
CA ALA E 327 -8.16 -0.90 -24.34
C ALA E 327 -7.59 -1.80 -25.40
N MET E 328 -7.11 -1.20 -26.49
CA MET E 328 -6.53 -2.00 -27.57
C MET E 328 -5.17 -2.47 -27.08
N LEU E 329 -4.66 -1.69 -26.14
CA LEU E 329 -3.40 -1.90 -25.48
C LEU E 329 -3.26 -3.29 -24.86
N TYR E 330 -4.41 -3.79 -24.44
CA TYR E 330 -4.61 -5.10 -23.81
C TYR E 330 -4.12 -6.22 -24.71
N GLN E 331 -4.21 -5.99 -26.02
CA GLN E 331 -3.81 -6.98 -27.01
C GLN E 331 -2.37 -7.46 -26.81
N PHE E 332 -1.54 -6.60 -26.23
CA PHE E 332 -0.12 -6.91 -25.97
C PHE E 332 0.17 -7.34 -24.53
N GLY E 333 -0.85 -7.91 -23.89
CA GLY E 333 -0.70 -8.39 -22.54
C GLY E 333 -0.13 -9.80 -22.47
N HIS E 334 0.54 -10.08 -21.37
CA HIS E 334 1.14 -11.39 -21.14
C HIS E 334 1.27 -11.57 -19.63
N ASP E 335 1.17 -12.80 -19.12
CA ASP E 335 1.30 -13.03 -17.69
C ASP E 335 2.65 -12.55 -17.15
N SER E 336 2.65 -11.80 -16.07
CA SER E 336 3.92 -11.34 -15.51
C SER E 336 4.76 -12.58 -15.26
N PRO E 337 6.07 -12.41 -15.41
CA PRO E 337 7.02 -13.49 -15.20
C PRO E 337 6.89 -13.99 -13.78
N PRO E 338 6.91 -15.31 -13.63
CA PRO E 338 6.82 -16.02 -12.34
C PRO E 338 8.06 -15.79 -11.53
N LEU E 339 7.95 -16.04 -10.23
CA LEU E 339 9.06 -15.84 -9.33
C LEU E 339 10.40 -16.39 -9.80
N ASP E 340 11.44 -15.57 -9.65
CA ASP E 340 12.82 -15.94 -10.00
C ASP E 340 13.69 -15.45 -8.85
N GLU E 341 13.51 -16.08 -7.70
CA GLU E 341 14.23 -15.70 -6.50
C GLU E 341 15.68 -15.22 -6.69
N VAL E 342 16.40 -15.83 -7.62
CA VAL E 342 17.80 -15.45 -7.87
C VAL E 342 17.88 -14.03 -8.40
N ALA E 343 17.10 -13.76 -9.46
CA ALA E 343 17.06 -12.44 -10.09
C ALA E 343 16.72 -11.34 -9.08
N LEU E 344 15.73 -11.63 -8.25
CA LEU E 344 15.27 -10.68 -7.24
C LEU E 344 16.32 -10.44 -6.16
N GLN E 345 17.20 -11.41 -5.97
CA GLN E 345 18.22 -11.25 -4.98
C GLN E 345 19.40 -10.48 -5.59
N GLU E 346 19.70 -10.78 -6.85
CA GLU E 346 20.79 -10.13 -7.56
C GLU E 346 20.45 -8.68 -7.73
N TYR E 347 19.21 -8.43 -8.14
CA TYR E 347 18.73 -7.08 -8.34
C TYR E 347 19.15 -6.24 -7.13
N ARG E 348 18.69 -6.64 -5.95
CA ARG E 348 18.98 -5.95 -4.69
C ARG E 348 20.47 -5.71 -4.46
N THR E 349 21.25 -6.78 -4.62
CA THR E 349 22.70 -6.70 -4.40
C THR E 349 23.37 -5.78 -5.41
N VAL E 350 23.12 -6.00 -6.69
CA VAL E 350 23.70 -5.18 -7.75
C VAL E 350 23.45 -3.69 -7.54
N ALA E 351 22.19 -3.39 -7.27
CA ALA E 351 21.77 -2.02 -7.06
C ALA E 351 22.58 -1.36 -5.95
N ARG E 352 22.62 -2.01 -4.78
CA ARG E 352 23.36 -1.47 -3.63
C ARG E 352 24.85 -1.33 -3.91
N SER E 353 25.33 -2.17 -4.83
CA SER E 353 26.74 -2.17 -5.20
C SER E 353 27.15 -1.02 -6.09
N LEU E 354 26.39 -0.77 -7.15
CA LEU E 354 26.68 0.29 -8.12
C LEU E 354 26.82 1.70 -7.57
N PRO E 355 27.53 2.58 -8.29
CA PRO E 355 27.73 3.97 -7.85
C PRO E 355 26.50 4.81 -8.11
N VAL E 356 26.49 6.00 -7.50
CA VAL E 356 25.36 6.91 -7.67
C VAL E 356 25.19 7.05 -9.17
N ALA E 357 26.30 7.38 -9.82
CA ALA E 357 26.36 7.54 -11.26
C ALA E 357 27.79 7.33 -11.72
N VAL E 358 27.99 7.40 -13.03
CA VAL E 358 29.29 7.21 -13.67
C VAL E 358 29.36 8.16 -14.87
N ILE E 359 30.52 8.29 -15.50
CA ILE E 359 30.62 9.18 -16.66
C ILE E 359 29.88 8.64 -17.90
N ALA E 360 29.92 9.40 -18.97
CA ALA E 360 29.28 9.02 -20.21
C ALA E 360 29.82 7.74 -20.78
N ALA E 361 31.11 7.71 -21.04
CA ALA E 361 31.75 6.55 -21.63
C ALA E 361 31.64 5.26 -20.83
N GLN E 362 31.73 5.33 -19.51
CA GLN E 362 31.66 4.12 -18.70
C GLN E 362 30.33 3.40 -18.85
N ASN E 363 29.24 4.17 -18.99
CA ASN E 363 27.93 3.57 -19.14
C ASN E 363 28.02 2.17 -19.73
N ALA F 1 35.01 0.00 -18.93
CA ALA F 1 34.09 -0.99 -18.29
C ALA F 1 32.63 -0.63 -18.58
N SER F 2 32.00 -1.33 -19.54
CA SER F 2 30.60 -1.06 -19.89
C SER F 2 29.70 -1.28 -18.67
N MET F 3 28.43 -0.90 -18.77
CA MET F 3 27.51 -1.07 -17.64
C MET F 3 27.06 -2.52 -17.47
N TRP F 4 26.84 -3.21 -18.59
CA TRP F 4 26.42 -4.61 -18.53
C TRP F 4 27.56 -5.48 -18.00
N GLU F 5 28.79 -5.12 -18.36
CA GLU F 5 29.93 -5.89 -17.90
C GLU F 5 30.22 -5.60 -16.42
N ARG F 6 29.95 -4.38 -15.94
CA ARG F 6 30.17 -4.08 -14.51
C ARG F 6 29.11 -4.83 -13.71
N VAL F 7 27.97 -5.09 -14.36
CA VAL F 7 26.86 -5.80 -13.74
C VAL F 7 27.06 -7.32 -13.73
N LYS F 8 27.50 -7.89 -14.85
CA LYS F 8 27.73 -9.33 -14.92
C LYS F 8 28.90 -9.73 -14.01
N SER F 9 29.76 -8.77 -13.65
CA SER F 9 30.89 -9.07 -12.78
C SER F 9 30.41 -9.16 -11.33
N ILE F 10 29.61 -8.19 -10.91
CA ILE F 10 29.07 -8.18 -9.56
C ILE F 10 28.15 -9.39 -9.31
N ILE F 11 27.43 -9.84 -10.33
CA ILE F 11 26.55 -11.01 -10.18
C ILE F 11 27.39 -12.28 -10.04
N LYS F 12 28.25 -12.55 -11.01
CA LYS F 12 29.09 -13.74 -10.93
C LYS F 12 30.02 -13.68 -9.71
N SER F 13 30.42 -12.47 -9.29
CA SER F 13 31.30 -12.32 -8.11
C SER F 13 30.46 -12.51 -6.84
N SER F 14 29.14 -12.41 -6.99
CA SER F 14 28.21 -12.59 -5.89
C SER F 14 27.81 -14.07 -5.82
N LEU F 15 27.72 -14.73 -6.97
CA LEU F 15 27.36 -16.16 -7.02
C LEU F 15 28.53 -17.02 -6.52
N ALA F 16 29.76 -16.51 -6.68
CA ALA F 16 30.96 -17.24 -6.25
C ALA F 16 31.38 -16.81 -4.84
N ALA F 17 31.03 -15.59 -4.45
CA ALA F 17 31.36 -15.07 -3.11
C ALA F 17 30.48 -15.71 -2.04
N ALA F 18 29.23 -16.00 -2.40
CA ALA F 18 28.27 -16.64 -1.48
C ALA F 18 28.60 -18.12 -1.28
N SER F 19 29.36 -18.69 -2.22
CA SER F 19 29.75 -20.09 -2.16
C SER F 19 30.97 -20.27 -1.25
CA CA H . 8.32 20.37 3.74
CA CA I . -17.12 3.92 15.14
CA CA J . 4.24 -4.91 0.39
N1 EPE K . -3.71 24.00 12.70
C2 EPE K . -2.51 24.73 12.19
C3 EPE K . -2.29 26.04 13.04
N4 EPE K . -2.06 25.67 14.48
C5 EPE K . -3.26 24.93 14.99
C6 EPE K . -3.45 23.63 14.15
C7 EPE K . -1.86 26.93 15.29
C8 EPE K . -1.63 26.67 16.80
O8 EPE K . -0.52 25.79 17.05
C9 EPE K . -3.91 22.75 11.90
C10 EPE K . -5.17 22.00 12.41
S EPE K . -5.49 20.47 11.48
O1S EPE K . -5.78 20.70 10.13
O2S EPE K . -4.45 19.54 11.80
O3S EPE K . -6.74 19.87 12.07
CA CA L . -11.96 7.27 -16.76
CL CL M . -32.96 -18.73 -2.25
N1 EPE N . -24.93 9.82 3.21
C2 EPE N . -25.06 9.86 4.69
C3 EPE N . -26.58 9.78 5.04
N4 EPE N . -27.12 8.45 4.54
C5 EPE N . -26.99 8.44 3.05
C6 EPE N . -25.51 8.54 2.67
C7 EPE N . -28.57 8.33 4.89
C8 EPE N . -29.15 6.95 4.45
O8 EPE N . -30.08 7.10 3.39
C9 EPE N . -23.48 9.89 2.83
C10 EPE N . -23.36 9.86 1.29
S EPE N . -21.64 9.89 0.74
O1S EPE N . -20.96 11.08 1.04
O2S EPE N . -21.04 8.66 1.12
O3S EPE N . -21.70 9.86 -0.78
N1 EPE O . -7.52 21.90 -14.17
C2 EPE O . -8.40 21.18 -15.15
C3 EPE O . -8.76 22.15 -16.32
N4 EPE O . -7.51 22.59 -17.03
C5 EPE O . -6.62 23.29 -16.03
C6 EPE O . -6.26 22.32 -14.89
C7 EPE O . -7.89 23.52 -18.13
C8 EPE O . -6.67 24.07 -18.94
O8 EPE O . -5.67 23.07 -19.16
C9 EPE O . -7.17 20.95 -13.05
C10 EPE O . -6.28 21.65 -11.96
S EPE O . -5.82 20.52 -10.59
O1S EPE O . -6.92 20.07 -9.83
O2S EPE O . -4.92 19.54 -11.10
O3S EPE O . -4.98 21.33 -9.61
#